data_4D4U
#
_entry.id   4D4U
#
_cell.length_a   47.317
_cell.length_b   47.529
_cell.length_c   77.365
_cell.angle_alpha   96.81
_cell.angle_beta   100.24
_cell.angle_gamma   113.61
#
_symmetry.space_group_name_H-M   'P 1'
#
loop_
_entity.id
_entity.type
_entity.pdbx_description
1 polymer 'FUCOSE-SPECIFIC LECTIN FLEA'
2 branched alpha-L-fucopyranose-(1-2)-beta-D-galactopyranose-(1-4)-2-acetamido-2-deoxy-beta-D-glucopyranose
3 branched alpha-L-fucopyranose-(1-2)-beta-D-galactopyranose-(1-4)-[alpha-L-fucopyranose-(1-3)]2-acetamido-2-deoxy-alpha-D-glucopyranose
4 branched alpha-L-fucopyranose-(1-2)-beta-D-galactopyranose
5 non-polymer GLYCEROL
6 non-polymer alpha-L-fucopyranose
7 water water
#
_entity_poly.entity_id   1
_entity_poly.type   'polypeptide(L)'
_entity_poly.pdbx_seq_one_letter_code
;MSTPGAQQVLFRTGIAAVNSTNHLRVYFQDVYGSIRESLYEGSWANGTEKNVIGNAKLGSPVAATSKELKHIRVYTLTEG
NTLQEFAYDSGTGWYNGGLGGAKFQVAPYSCIAAVFLAGTDALQLRIYAQKPDNTIQEYMWNGDGWKEGTNLGGALPGTG
IGATSFRYTDYNGPSIRIWFQTDDLKLVQRAYDPHKGWYPDLVTIFDRAPPRTAIAATSFGAGNSSIYMRIYFVNSDNTI
WQV(CSX)WDHGKGYHDKGTITPVIQGSEVAIISWGSFANNGPDLRLYFQNGTYISAVSEWVWNRAHGSQLGRSALPPA
;
_entity_poly.pdbx_strand_id   A,B
#
loop_
_chem_comp.id
_chem_comp.type
_chem_comp.name
_chem_comp.formula
FUC L-saccharide, alpha linking alpha-L-fucopyranose 'C6 H12 O5'
GAL D-saccharide, beta linking beta-D-galactopyranose 'C6 H12 O6'
GOL non-polymer GLYCEROL 'C3 H8 O3'
NAG D-saccharide, beta linking 2-acetamido-2-deoxy-beta-D-glucopyranose 'C8 H15 N O6'
NDG D-saccharide, alpha linking 2-acetamido-2-deoxy-alpha-D-glucopyranose 'C8 H15 N O6'
#
# COMPACT_ATOMS: atom_id res chain seq x y z
N SER A 2 -17.22 -5.96 6.66
CA SER A 2 -15.98 -6.25 7.45
C SER A 2 -16.36 -6.71 8.87
N THR A 3 -15.34 -6.91 9.70
CA THR A 3 -15.57 -7.22 11.08
C THR A 3 -14.68 -6.35 11.93
N PRO A 4 -15.08 -6.14 13.19
CA PRO A 4 -14.23 -5.33 14.04
C PRO A 4 -12.82 -5.90 14.11
N GLY A 5 -12.69 -7.22 14.22
CA GLY A 5 -11.37 -7.87 14.27
C GLY A 5 -10.54 -7.69 13.00
N ALA A 6 -11.14 -7.92 11.84
CA ALA A 6 -10.42 -7.78 10.58
C ALA A 6 -10.02 -6.33 10.33
N GLN A 7 -10.83 -5.41 10.86
CA GLN A 7 -10.54 -3.96 10.84
C GLN A 7 -9.24 -3.59 11.53
N GLN A 8 -8.75 -4.48 12.37
CA GLN A 8 -7.50 -4.25 13.06
C GLN A 8 -6.25 -4.63 12.23
N VAL A 9 -6.45 -5.32 11.10
CA VAL A 9 -5.36 -5.79 10.28
C VAL A 9 -5.04 -4.69 9.30
N LEU A 10 -3.78 -4.27 9.24
CA LEU A 10 -3.39 -3.24 8.28
C LEU A 10 -3.59 -3.75 6.85
N PHE A 11 -4.08 -2.85 6.00
CA PHE A 11 -4.37 -3.16 4.61
C PHE A 11 -3.01 -3.20 3.88
N ARG A 12 -2.71 -4.32 3.22
CA ARG A 12 -1.38 -4.58 2.60
C ARG A 12 -0.26 -4.78 3.63
N THR A 13 -0.63 -5.23 4.82
CA THR A 13 0.33 -5.67 5.83
C THR A 13 1.36 -6.63 5.26
N GLY A 14 2.56 -6.54 5.83
CA GLY A 14 3.56 -7.60 5.73
C GLY A 14 3.03 -8.88 6.37
N ILE A 15 3.36 -10.01 5.75
CA ILE A 15 2.94 -11.31 6.25
C ILE A 15 4.10 -12.28 6.25
N ALA A 16 4.24 -13.04 7.33
CA ALA A 16 5.20 -14.09 7.41
C ALA A 16 4.60 -15.26 8.15
N ALA A 17 5.19 -16.44 7.91
CA ALA A 17 4.70 -17.64 8.55
C ALA A 17 5.85 -18.59 8.84
N VAL A 18 5.73 -19.34 9.94
CA VAL A 18 6.65 -20.43 10.27
C VAL A 18 5.83 -21.65 10.69
N ASN A 19 6.47 -22.81 10.77
CA ASN A 19 5.78 -24.01 11.16
C ASN A 19 6.67 -25.14 11.63
N SER A 20 6.06 -26.09 12.33
CA SER A 20 6.60 -27.44 12.50
C SER A 20 5.50 -28.34 11.99
N THR A 21 5.78 -29.03 10.91
CA THR A 21 4.74 -29.68 10.11
C THR A 21 3.46 -28.86 10.10
N ASN A 22 2.38 -29.36 10.70
CA ASN A 22 1.11 -28.62 10.73
C ASN A 22 0.83 -27.81 12.01
N HIS A 23 1.85 -27.52 12.81
CA HIS A 23 1.75 -26.55 13.89
C HIS A 23 2.20 -25.20 13.29
N LEU A 24 1.28 -24.26 13.09
CA LEU A 24 1.57 -23.04 12.30
C LEU A 24 1.55 -21.76 13.15
N ARG A 25 2.40 -20.80 12.78
CA ARG A 25 2.31 -19.44 13.30
C ARG A 25 2.30 -18.42 12.17
N VAL A 26 1.41 -17.42 12.25
CA VAL A 26 1.34 -16.35 11.26
C VAL A 26 1.49 -14.97 11.89
N TYR A 27 2.41 -14.17 11.31
CA TYR A 27 2.76 -12.84 11.78
C TYR A 27 2.30 -11.77 10.77
N PHE A 28 1.72 -10.70 11.30
CA PHE A 28 1.17 -9.60 10.50
C PHE A 28 1.23 -8.33 11.32
N GLN A 29 0.95 -7.20 10.70
CA GLN A 29 1.02 -5.93 11.40
C GLN A 29 -0.41 -5.40 11.52
N ASP A 30 -0.73 -4.82 12.69
CA ASP A 30 -2.00 -4.15 12.90
C ASP A 30 -1.93 -2.67 12.53
N VAL A 31 -3.08 -2.01 12.57
CA VAL A 31 -3.21 -0.64 12.11
C VAL A 31 -2.43 0.37 12.93
N TYR A 32 -2.04 0.00 14.17
CA TYR A 32 -1.21 0.86 15.04
C TYR A 32 0.28 0.54 14.93
N GLY A 33 0.61 -0.43 14.10
CA GLY A 33 2.01 -0.73 13.82
C GLY A 33 2.59 -1.89 14.58
N SER A 34 1.85 -2.47 15.54
CA SER A 34 2.33 -3.62 16.29
C SER A 34 2.26 -4.89 15.45
N ILE A 35 3.16 -5.80 15.75
CA ILE A 35 3.22 -7.06 15.04
C ILE A 35 2.58 -8.11 15.91
N ARG A 36 1.62 -8.82 15.34
CA ARG A 36 0.86 -9.83 16.06
C ARG A 36 1.07 -11.24 15.52
N GLU A 37 0.79 -12.22 16.38
CA GLU A 37 0.90 -13.64 16.05
C GLU A 37 -0.46 -14.33 16.15
N SER A 38 -0.89 -14.89 15.01
CA SER A 38 -2.00 -15.82 14.98
C SER A 38 -1.39 -17.24 14.91
N LEU A 39 -2.13 -18.23 15.36
CA LEU A 39 -1.60 -19.59 15.43
C LEU A 39 -2.62 -20.64 15.07
N TYR A 40 -2.10 -21.82 14.70
CA TYR A 40 -2.92 -22.98 14.42
C TYR A 40 -2.33 -24.15 15.16
N GLU A 41 -3.05 -24.60 16.19
CA GLU A 41 -2.66 -25.77 16.96
C GLU A 41 -3.91 -26.64 17.07
N GLY A 42 -4.26 -27.33 16.01
CA GLY A 42 -5.55 -28.01 15.96
C GLY A 42 -6.69 -27.10 15.52
N SER A 43 -6.67 -25.83 15.92
CA SER A 43 -7.64 -24.86 15.44
C SER A 43 -6.97 -23.47 15.39
N TRP A 44 -7.66 -22.49 14.79
CA TRP A 44 -7.09 -21.14 14.66
C TRP A 44 -7.36 -20.31 15.89
N ALA A 45 -6.37 -19.56 16.34
CA ALA A 45 -6.48 -18.72 17.52
C ALA A 45 -5.56 -17.50 17.49
N ASN A 46 -5.87 -16.57 18.39
CA ASN A 46 -5.02 -15.43 18.75
C ASN A 46 -5.07 -14.28 17.78
N GLY A 47 -3.96 -13.60 17.53
CA GLY A 47 -3.96 -12.44 16.64
C GLY A 47 -4.60 -11.19 17.22
N THR A 48 -4.79 -11.15 18.53
CA THR A 48 -5.43 -10.03 19.21
C THR A 48 -4.38 -9.08 19.76
N GLU A 49 -4.84 -8.00 20.41
CA GLU A 49 -3.92 -7.02 20.98
C GLU A 49 -3.13 -7.63 22.12
N LYS A 50 -3.61 -8.76 22.62
CA LYS A 50 -2.88 -9.52 23.63
C LYS A 50 -1.80 -10.42 23.00
N ASN A 51 -1.76 -10.56 21.68
CA ASN A 51 -0.79 -11.44 21.00
C ASN A 51 0.30 -10.65 20.26
N VAL A 52 0.71 -9.51 20.80
CA VAL A 52 1.73 -8.65 20.16
C VAL A 52 3.13 -9.01 20.61
N ILE A 53 4.03 -9.13 19.64
CA ILE A 53 5.43 -9.54 19.90
C ILE A 53 6.44 -8.40 19.77
N GLY A 54 6.00 -7.28 19.20
CA GLY A 54 6.81 -6.09 19.11
C GLY A 54 6.15 -5.04 18.22
N ASN A 55 6.82 -3.90 18.07
CA ASN A 55 6.34 -2.81 17.24
C ASN A 55 7.35 -2.53 16.14
N ALA A 56 6.85 -2.08 15.01
CA ALA A 56 7.68 -1.82 13.87
C ALA A 56 7.12 -0.57 13.17
N LYS A 57 7.90 0.04 12.29
CA LYS A 57 7.39 1.15 11.51
C LYS A 57 6.16 0.70 10.71
N LEU A 58 5.22 1.63 10.54
CA LEU A 58 4.01 1.34 9.79
C LEU A 58 4.35 1.06 8.34
N GLY A 59 3.81 -0.03 7.82
CA GLY A 59 4.11 -0.44 6.45
C GLY A 59 5.33 -1.33 6.40
N SER A 60 5.94 -1.62 7.55
CA SER A 60 7.14 -2.47 7.58
C SER A 60 7.07 -3.81 6.86
N PRO A 61 8.18 -4.23 6.23
CA PRO A 61 8.20 -5.66 5.87
C PRO A 61 8.12 -6.53 7.13
N VAL A 62 7.72 -7.77 6.94
CA VAL A 62 7.65 -8.75 8.01
C VAL A 62 8.12 -10.07 7.46
N ALA A 63 9.21 -10.59 8.03
CA ALA A 63 9.79 -11.86 7.60
C ALA A 63 10.02 -12.69 8.82
N ALA A 64 10.03 -14.01 8.66
CA ALA A 64 10.26 -14.91 9.79
C ALA A 64 10.90 -16.24 9.36
N THR A 65 11.59 -16.87 10.29
CA THR A 65 12.11 -18.21 10.07
C THR A 65 12.14 -18.94 11.42
N SER A 66 12.26 -20.26 11.36
CA SER A 66 12.26 -21.07 12.58
C SER A 66 13.00 -22.35 12.42
N LYS A 67 13.37 -22.90 13.57
CA LYS A 67 13.77 -24.29 13.68
C LYS A 67 12.63 -24.98 14.44
N GLU A 68 11.78 -25.64 13.67
CA GLU A 68 10.49 -26.16 14.15
C GLU A 68 9.75 -24.99 14.83
N LEU A 69 9.32 -25.16 16.07
CA LEU A 69 8.82 -24.04 16.83
C LEU A 69 9.60 -23.89 18.13
N LYS A 70 10.78 -24.46 18.16
CA LYS A 70 11.62 -24.31 19.32
C LYS A 70 12.30 -22.96 19.33
N HIS A 71 12.58 -22.45 18.13
CA HIS A 71 13.22 -21.17 17.94
C HIS A 71 12.57 -20.48 16.77
N ILE A 72 12.06 -19.27 17.00
CA ILE A 72 11.43 -18.47 15.96
C ILE A 72 12.05 -17.08 15.99
N ARG A 73 12.28 -16.54 14.80
CA ARG A 73 12.78 -15.17 14.66
C ARG A 73 11.91 -14.41 13.65
N VAL A 74 11.49 -13.20 14.02
CA VAL A 74 10.66 -12.36 13.18
C VAL A 74 11.39 -11.04 12.92
N TYR A 75 11.48 -10.66 11.64
CA TYR A 75 12.28 -9.51 11.21
C TYR A 75 11.44 -8.37 10.61
N THR A 76 11.72 -7.16 11.08
CA THR A 76 10.97 -5.96 10.69
C THR A 76 11.92 -4.76 10.72
N LEU A 77 11.42 -3.58 10.31
CA LEU A 77 12.17 -2.32 10.37
C LEU A 77 11.70 -1.42 11.50
N THR A 78 12.65 -0.87 12.23
CA THR A 78 12.37 0.21 13.17
C THR A 78 11.97 1.48 12.41
N GLU A 79 11.53 2.47 13.17
CA GLU A 79 11.27 3.83 12.69
C GLU A 79 12.48 4.47 12.03
N GLY A 80 13.68 4.14 12.52
CA GLY A 80 14.93 4.69 12.00
C GLY A 80 15.50 3.93 10.82
N ASN A 81 14.70 3.03 10.25
CA ASN A 81 15.11 2.15 9.15
C ASN A 81 16.34 1.28 9.42
N THR A 82 16.41 0.74 10.64
CA THR A 82 17.38 -0.31 10.96
C THR A 82 16.68 -1.65 11.10
N LEU A 83 17.37 -2.75 10.76
CA LEU A 83 16.78 -4.08 10.92
C LEU A 83 16.63 -4.39 12.41
N GLN A 84 15.55 -5.06 12.79
CA GLN A 84 15.39 -5.54 14.17
C GLN A 84 14.78 -6.93 14.16
N GLU A 85 14.78 -7.56 15.31
CA GLU A 85 14.48 -8.97 15.41
C GLU A 85 13.66 -9.22 16.67
N PHE A 86 12.51 -9.87 16.51
CA PHE A 86 11.78 -10.39 17.68
C PHE A 86 12.04 -11.90 17.79
N ALA A 87 12.52 -12.34 18.94
CA ALA A 87 12.95 -13.73 19.11
C ALA A 87 12.15 -14.53 20.13
N TYR A 88 11.82 -15.76 19.78
CA TYR A 88 11.23 -16.71 20.69
C TYR A 88 12.08 -17.97 20.80
N ASP A 89 12.39 -18.38 22.02
CA ASP A 89 13.06 -19.65 22.31
C ASP A 89 12.18 -20.39 23.28
N SER A 90 11.91 -21.66 22.98
CA SER A 90 11.13 -22.51 23.86
C SER A 90 11.78 -22.45 25.25
N GLY A 91 10.98 -22.13 26.27
CA GLY A 91 11.49 -22.02 27.64
C GLY A 91 11.98 -20.63 28.06
N THR A 92 12.09 -19.71 27.11
CA THR A 92 12.40 -18.32 27.45
C THR A 92 11.23 -17.40 27.14
N GLY A 93 10.52 -17.69 26.03
CA GLY A 93 9.48 -16.82 25.53
C GLY A 93 10.00 -15.81 24.52
N TRP A 94 9.23 -14.74 24.33
CA TRP A 94 9.56 -13.65 23.42
C TRP A 94 10.46 -12.60 24.07
N TYR A 95 11.48 -12.17 23.32
CA TYR A 95 12.33 -11.07 23.73
C TYR A 95 12.83 -10.33 22.49
N ASN A 96 13.35 -9.13 22.71
CA ASN A 96 13.99 -8.37 21.65
C ASN A 96 15.37 -8.91 21.39
N GLY A 97 15.60 -9.41 20.18
CA GLY A 97 16.85 -10.06 19.82
C GLY A 97 17.99 -9.10 19.51
N GLY A 98 19.20 -9.65 19.42
CA GLY A 98 20.42 -8.88 19.27
C GLY A 98 20.52 -8.05 18.00
N LEU A 99 19.76 -8.38 16.98
CA LEU A 99 19.99 -7.77 15.67
C LEU A 99 19.89 -6.23 15.72
N GLY A 100 18.89 -5.73 16.44
CA GLY A 100 18.67 -4.31 16.59
C GLY A 100 19.88 -3.55 17.06
N GLY A 101 20.64 -4.17 17.97
CA GLY A 101 21.84 -3.57 18.54
C GLY A 101 22.98 -3.40 17.56
N ALA A 102 22.94 -4.14 16.46
CA ALA A 102 23.93 -3.95 15.39
C ALA A 102 23.67 -2.73 14.48
N LYS A 103 22.45 -2.19 14.52
CA LYS A 103 22.13 -0.94 13.83
C LYS A 103 22.47 -0.91 12.34
N PHE A 104 22.09 -1.97 11.63
CA PHE A 104 22.25 -2.05 10.19
C PHE A 104 21.21 -1.16 9.50
N GLN A 105 21.64 -0.03 8.91
CA GLN A 105 20.72 0.87 8.23
C GLN A 105 20.41 0.31 6.85
N VAL A 106 19.14 0.25 6.50
CA VAL A 106 18.76 -0.19 5.16
C VAL A 106 17.95 0.88 4.50
N ALA A 107 17.68 0.70 3.20
CA ALA A 107 16.76 1.58 2.51
C ALA A 107 15.41 1.64 3.23
N PRO A 108 14.80 2.83 3.28
CA PRO A 108 13.47 2.94 3.85
C PRO A 108 12.46 1.97 3.21
N TYR A 109 12.60 1.73 1.92
CA TYR A 109 11.72 0.81 1.18
C TYR A 109 12.20 -0.63 1.10
N SER A 110 13.18 -1.01 1.92
CA SER A 110 13.71 -2.38 1.90
C SER A 110 12.66 -3.41 2.34
N CYS A 111 12.63 -4.53 1.62
CA CYS A 111 12.04 -5.76 2.15
C CYS A 111 13.08 -6.58 2.96
N ILE A 112 12.63 -7.71 3.50
CA ILE A 112 13.47 -8.62 4.28
C ILE A 112 13.10 -10.06 3.96
N ALA A 113 14.11 -10.92 3.94
CA ALA A 113 13.95 -12.36 4.00
C ALA A 113 14.92 -12.92 5.00
N ALA A 114 14.61 -14.09 5.55
CA ALA A 114 15.44 -14.72 6.58
C ALA A 114 15.36 -16.24 6.46
N VAL A 115 16.46 -16.92 6.77
CA VAL A 115 16.52 -18.37 6.84
C VAL A 115 17.41 -18.76 7.98
N PHE A 116 17.07 -19.85 8.65
CA PHE A 116 18.01 -20.63 9.46
C PHE A 116 18.67 -21.58 8.46
N LEU A 117 19.97 -21.76 8.56
CA LEU A 117 20.62 -22.66 7.62
C LEU A 117 20.18 -24.09 7.94
N ALA A 118 19.86 -24.83 6.89
CA ALA A 118 19.28 -26.15 6.99
C ALA A 118 20.33 -27.21 7.34
N GLY A 119 19.88 -28.30 7.94
CA GLY A 119 20.70 -29.47 8.16
C GLY A 119 21.73 -29.38 9.27
N THR A 120 21.48 -28.51 10.23
CA THR A 120 22.34 -28.41 11.39
C THR A 120 21.53 -28.01 12.59
N ASP A 121 21.91 -28.52 13.75
CA ASP A 121 21.29 -28.12 14.98
C ASP A 121 21.82 -26.80 15.47
N ALA A 122 22.94 -26.33 14.91
CA ALA A 122 23.45 -25.02 15.28
C ALA A 122 22.46 -23.95 14.85
N LEU A 123 22.40 -22.83 15.58
CA LEU A 123 21.54 -21.70 15.21
C LEU A 123 22.30 -20.74 14.32
N GLN A 124 22.16 -20.92 13.01
CA GLN A 124 22.86 -20.11 12.02
C GLN A 124 21.86 -19.38 11.17
N LEU A 125 21.97 -18.05 11.17
CA LEU A 125 21.00 -17.19 10.50
C LEU A 125 21.59 -16.41 9.36
N ARG A 126 20.83 -16.33 8.28
CA ARG A 126 21.13 -15.42 7.18
C ARG A 126 19.89 -14.59 6.88
N ILE A 127 20.09 -13.28 6.91
CA ILE A 127 19.06 -12.26 6.68
C ILE A 127 19.47 -11.46 5.46
N TYR A 128 18.49 -11.10 4.64
CA TYR A 128 18.70 -10.37 3.39
C TYR A 128 17.80 -9.15 3.33
N ALA A 129 18.40 -8.02 3.02
CA ALA A 129 17.67 -6.77 2.84
C ALA A 129 18.38 -5.89 1.81
N GLN A 130 17.83 -4.70 1.58
CA GLN A 130 18.33 -3.80 0.57
C GLN A 130 18.88 -2.51 1.17
N LYS A 131 20.15 -2.24 0.86
CA LYS A 131 20.87 -1.07 1.36
C LYS A 131 20.45 0.18 0.59
N PRO A 132 20.77 1.36 1.12
CA PRO A 132 20.42 2.60 0.41
C PRO A 132 20.96 2.67 -1.01
N ASP A 133 22.06 2.00 -1.32
CA ASP A 133 22.56 1.97 -2.71
C ASP A 133 21.83 0.93 -3.60
N ASN A 134 20.80 0.29 -3.04
CA ASN A 134 19.96 -0.69 -3.74
C ASN A 134 20.56 -2.06 -4.01
N THR A 135 21.66 -2.37 -3.30
CA THR A 135 22.21 -3.73 -3.36
C THR A 135 21.59 -4.59 -2.26
N ILE A 136 21.44 -5.88 -2.55
CA ILE A 136 20.94 -6.86 -1.61
C ILE A 136 22.13 -7.26 -0.77
N GLN A 137 22.01 -7.05 0.53
CA GLN A 137 23.04 -7.36 1.50
C GLN A 137 22.60 -8.51 2.37
N GLU A 138 23.50 -9.49 2.54
CA GLU A 138 23.36 -10.57 3.49
C GLU A 138 23.92 -10.16 4.83
N TYR A 139 23.19 -10.49 5.91
CA TYR A 139 23.66 -10.34 7.30
C TYR A 139 23.65 -11.73 7.96
N MET A 140 24.65 -12.01 8.82
CA MET A 140 24.90 -13.35 9.37
C MET A 140 24.96 -13.36 10.90
N TRP A 141 24.34 -14.40 11.48
CA TRP A 141 24.58 -14.77 12.86
C TRP A 141 25.11 -16.22 12.91
N ASN A 142 26.27 -16.41 13.52
CA ASN A 142 26.87 -17.74 13.66
C ASN A 142 27.34 -18.00 15.09
N GLY A 143 26.58 -17.51 16.07
CA GLY A 143 26.87 -17.67 17.49
C GLY A 143 27.68 -16.50 18.04
N ASP A 144 28.35 -15.79 17.13
CA ASP A 144 29.46 -14.95 17.49
C ASP A 144 29.24 -13.54 16.94
N GLY A 145 28.05 -13.01 17.22
CA GLY A 145 27.67 -11.65 16.86
C GLY A 145 27.04 -11.52 15.48
N TRP A 146 26.34 -10.41 15.27
CA TRP A 146 25.77 -10.11 13.97
C TRP A 146 26.84 -9.43 13.12
N LYS A 147 26.98 -9.87 11.87
CA LYS A 147 27.86 -9.19 10.92
C LYS A 147 27.38 -9.29 9.52
N GLU A 148 27.90 -8.42 8.68
CA GLU A 148 27.59 -8.48 7.27
C GLU A 148 28.21 -9.71 6.62
N GLY A 149 27.45 -10.34 5.74
CA GLY A 149 27.96 -11.46 4.94
C GLY A 149 28.24 -10.95 3.55
N THR A 150 27.89 -11.73 2.55
CA THR A 150 28.13 -11.39 1.16
C THR A 150 27.13 -10.35 0.63
N ASN A 151 27.60 -9.40 -0.20
CA ASN A 151 26.71 -8.54 -0.99
C ASN A 151 26.41 -9.16 -2.34
N LEU A 152 25.14 -9.19 -2.73
CA LEU A 152 24.69 -9.92 -3.90
C LEU A 152 24.26 -9.03 -5.04
N GLY A 153 24.57 -7.74 -4.95
CA GLY A 153 24.48 -6.86 -6.11
C GLY A 153 23.17 -6.11 -6.17
N GLY A 154 23.03 -5.31 -7.22
CA GLY A 154 21.92 -4.37 -7.37
C GLY A 154 20.59 -5.04 -7.63
N ALA A 155 19.53 -4.40 -7.16
CA ALA A 155 18.19 -4.88 -7.44
C ALA A 155 17.27 -3.68 -7.51
N LEU A 156 16.13 -3.88 -8.16
CA LEU A 156 15.05 -2.89 -8.20
C LEU A 156 14.84 -2.30 -6.81
N PRO A 157 14.86 -0.97 -6.68
CA PRO A 157 14.66 -0.34 -5.37
C PRO A 157 13.26 -0.70 -4.80
N GLY A 158 13.25 -1.37 -3.66
CA GLY A 158 12.00 -1.83 -3.01
C GLY A 158 11.54 -3.22 -3.45
N THR A 159 12.42 -3.98 -4.12
CA THR A 159 12.13 -5.32 -4.53
C THR A 159 11.64 -6.18 -3.35
N GLY A 160 10.73 -7.08 -3.65
CA GLY A 160 10.44 -8.18 -2.73
C GLY A 160 11.65 -9.08 -2.65
N ILE A 161 11.77 -9.82 -1.57
CA ILE A 161 12.86 -10.78 -1.43
C ILE A 161 12.33 -12.07 -0.85
N GLY A 162 12.56 -13.15 -1.58
CA GLY A 162 12.26 -14.50 -1.11
C GLY A 162 13.54 -15.26 -0.90
N ALA A 163 13.51 -16.23 0.03
CA ALA A 163 14.69 -17.05 0.35
C ALA A 163 14.31 -18.41 0.95
N THR A 164 15.20 -19.38 0.74
CA THR A 164 15.06 -20.68 1.38
C THR A 164 16.43 -21.30 1.57
N SER A 165 16.56 -22.13 2.59
CA SER A 165 17.75 -22.93 2.77
C SER A 165 17.35 -24.39 2.83
N PHE A 166 18.15 -25.23 2.20
CA PHE A 166 18.00 -26.67 2.30
C PHE A 166 19.40 -27.31 2.30
N ARG A 167 19.45 -28.60 2.61
CA ARG A 167 20.71 -29.32 2.60
C ARG A 167 20.53 -30.60 1.82
N TYR A 168 21.20 -30.69 0.67
CA TYR A 168 21.13 -31.91 -0.12
C TYR A 168 21.67 -33.06 0.74
N THR A 169 21.11 -34.25 0.55
CA THR A 169 21.48 -35.37 1.43
C THR A 169 22.91 -35.88 1.19
N ASP A 170 23.43 -35.65 0.00
CA ASP A 170 24.82 -35.98 -0.34
C ASP A 170 25.83 -34.82 -0.19
N TYR A 171 25.41 -33.68 0.38
CA TYR A 171 26.32 -32.55 0.61
C TYR A 171 26.77 -32.46 2.05
N ASN A 172 27.88 -31.79 2.25
CA ASN A 172 28.50 -31.61 3.56
C ASN A 172 28.13 -30.31 4.25
N GLY A 173 27.19 -29.57 3.67
CA GLY A 173 26.82 -28.25 4.18
C GLY A 173 25.63 -27.65 3.45
N PRO A 174 25.11 -26.54 3.96
CA PRO A 174 23.84 -26.00 3.51
C PRO A 174 23.90 -25.28 2.18
N SER A 175 22.78 -25.28 1.48
CA SER A 175 22.57 -24.45 0.28
C SER A 175 21.56 -23.36 0.58
N ILE A 176 21.60 -22.29 -0.24
CA ILE A 176 20.69 -21.17 -0.13
C ILE A 176 20.26 -20.77 -1.52
N ARG A 177 18.99 -20.42 -1.66
CA ARG A 177 18.47 -19.80 -2.85
C ARG A 177 17.65 -18.59 -2.44
N ILE A 178 17.87 -17.48 -3.14
CA ILE A 178 17.08 -16.30 -2.92
C ILE A 178 16.52 -15.82 -4.24
N TRP A 179 15.37 -15.17 -4.19
CA TRP A 179 14.80 -14.55 -5.37
C TRP A 179 14.45 -13.08 -5.13
N PHE A 180 14.66 -12.28 -6.16
CA PHE A 180 14.33 -10.85 -6.09
C PHE A 180 14.10 -10.31 -7.48
N GLN A 181 13.71 -9.03 -7.58
CA GLN A 181 13.40 -8.41 -8.87
C GLN A 181 14.52 -7.43 -9.28
N THR A 182 14.85 -7.42 -10.57
CA THR A 182 15.92 -6.53 -11.06
C THR A 182 15.34 -5.25 -11.66
N ASP A 183 16.19 -4.28 -11.97
CA ASP A 183 15.70 -3.00 -12.51
C ASP A 183 14.92 -3.16 -13.78
N ASP A 184 15.21 -4.18 -14.58
CA ASP A 184 14.38 -4.44 -15.78
C ASP A 184 13.02 -5.12 -15.48
N LEU A 185 12.70 -5.31 -14.18
CA LEU A 185 11.42 -5.86 -13.71
C LEU A 185 11.28 -7.41 -13.79
N LYS A 186 12.30 -8.09 -14.29
CA LYS A 186 12.39 -9.54 -14.24
C LYS A 186 12.56 -9.98 -12.80
N LEU A 187 12.12 -11.21 -12.56
CA LEU A 187 12.38 -11.90 -11.31
C LEU A 187 13.49 -12.90 -11.54
N VAL A 188 14.43 -12.96 -10.61
CA VAL A 188 15.61 -13.79 -10.78
C VAL A 188 15.96 -14.52 -9.51
N GLN A 189 16.74 -15.57 -9.69
CA GLN A 189 17.29 -16.39 -8.63
C GLN A 189 18.77 -16.13 -8.50
N ARG A 190 19.26 -15.98 -7.28
CA ARG A 190 20.67 -16.21 -6.97
C ARG A 190 20.83 -17.47 -6.10
N ALA A 191 22.02 -18.07 -6.17
CA ALA A 191 22.28 -19.39 -5.55
C ALA A 191 23.59 -19.50 -4.84
N TYR A 192 23.53 -20.13 -3.69
CA TYR A 192 24.71 -20.54 -2.94
C TYR A 192 24.77 -22.06 -2.71
N ASP A 193 25.84 -22.70 -3.18
CA ASP A 193 26.20 -24.10 -2.83
C ASP A 193 27.60 -24.09 -2.19
N PRO A 194 27.88 -25.06 -1.30
CA PRO A 194 29.19 -25.06 -0.61
C PRO A 194 30.42 -25.11 -1.53
N HIS A 195 30.31 -25.71 -2.71
CA HIS A 195 31.48 -25.83 -3.62
C HIS A 195 31.68 -24.65 -4.58
N LYS A 196 30.63 -23.91 -4.87
CA LYS A 196 30.70 -22.83 -5.84
C LYS A 196 30.45 -21.48 -5.22
N GLY A 197 30.34 -21.41 -3.91
CA GLY A 197 29.96 -20.15 -3.26
C GLY A 197 28.66 -19.61 -3.86
N TRP A 198 28.59 -18.29 -4.02
CA TRP A 198 27.47 -17.70 -4.75
C TRP A 198 27.70 -17.77 -6.24
N TYR A 199 26.90 -18.54 -6.95
CA TYR A 199 27.05 -18.64 -8.39
C TYR A 199 27.03 -17.23 -8.98
N PRO A 200 27.86 -16.98 -9.99
CA PRO A 200 27.85 -15.62 -10.52
C PRO A 200 26.56 -15.26 -11.28
N ASP A 201 25.89 -16.26 -11.84
CA ASP A 201 24.76 -15.99 -12.71
C ASP A 201 23.42 -15.78 -11.96
N LEU A 202 22.64 -14.83 -12.50
CA LEU A 202 21.25 -14.60 -12.12
C LEU A 202 20.37 -15.41 -13.06
N VAL A 203 19.52 -16.28 -12.51
CA VAL A 203 18.65 -17.11 -13.33
C VAL A 203 17.26 -16.46 -13.38
N THR A 204 16.83 -16.07 -14.56
CA THR A 204 15.52 -15.48 -14.70
C THR A 204 14.46 -16.53 -14.49
N ILE A 205 13.52 -16.28 -13.58
CA ILE A 205 12.36 -17.15 -13.38
C ILE A 205 11.04 -16.60 -13.95
N PHE A 206 10.97 -15.30 -14.25
CA PHE A 206 9.75 -14.70 -14.81
C PHE A 206 10.15 -13.43 -15.55
N ASP A 207 9.63 -13.24 -16.77
CA ASP A 207 10.19 -12.19 -17.64
C ASP A 207 9.85 -10.77 -17.19
N ARG A 208 8.72 -10.61 -16.52
CA ARG A 208 8.21 -9.28 -16.28
C ARG A 208 7.18 -9.35 -15.21
N ALA A 209 7.43 -8.66 -14.11
CA ALA A 209 6.50 -8.64 -13.00
C ALA A 209 6.22 -7.19 -12.55
N PRO A 210 5.11 -6.98 -11.84
CA PRO A 210 4.82 -5.65 -11.32
C PRO A 210 5.94 -5.12 -10.45
N PRO A 211 6.19 -3.81 -10.53
CA PRO A 211 7.27 -3.24 -9.76
C PRO A 211 7.00 -3.35 -8.26
N ARG A 212 8.00 -3.82 -7.53
CA ARG A 212 7.91 -4.06 -6.10
C ARG A 212 6.95 -5.16 -5.69
N THR A 213 6.57 -6.03 -6.63
CA THR A 213 5.68 -7.12 -6.30
C THR A 213 6.20 -7.98 -5.16
N ALA A 214 5.29 -8.48 -4.34
CA ALA A 214 5.62 -9.42 -3.28
C ALA A 214 6.31 -10.68 -3.85
N ILE A 215 7.30 -11.18 -3.10
CA ILE A 215 8.01 -12.40 -3.51
C ILE A 215 8.22 -13.32 -2.30
N ALA A 216 7.71 -14.55 -2.38
CA ALA A 216 7.93 -15.55 -1.32
C ALA A 216 8.24 -16.91 -1.89
N ALA A 217 9.05 -17.67 -1.15
CA ALA A 217 9.60 -18.93 -1.61
C ALA A 217 9.71 -20.01 -0.53
N THR A 218 9.57 -21.25 -0.96
CA THR A 218 9.80 -22.41 -0.09
C THR A 218 10.52 -23.51 -0.83
N SER A 219 11.08 -24.42 -0.05
CA SER A 219 11.64 -25.64 -0.57
C SER A 219 11.29 -26.82 0.34
N PHE A 220 11.37 -28.02 -0.24
CA PHE A 220 11.05 -29.25 0.46
C PHE A 220 11.61 -30.46 -0.28
N GLY A 221 11.74 -31.58 0.44
CA GLY A 221 12.04 -32.88 -0.14
C GLY A 221 13.45 -32.97 -0.64
N ALA A 222 14.42 -32.49 0.13
CA ALA A 222 15.81 -32.53 -0.27
C ALA A 222 16.30 -33.99 -0.35
N GLY A 223 16.90 -34.36 -1.47
CA GLY A 223 17.49 -35.69 -1.66
C GLY A 223 18.95 -35.57 -2.05
N ASN A 224 19.50 -36.59 -2.72
CA ASN A 224 20.88 -36.52 -3.23
C ASN A 224 20.93 -35.66 -4.47
N SER A 225 21.61 -34.51 -4.37
CA SER A 225 21.65 -33.51 -5.44
C SER A 225 20.28 -33.15 -6.04
N SER A 226 19.24 -33.20 -5.20
CA SER A 226 17.87 -32.99 -5.66
C SER A 226 17.01 -32.22 -4.64
N ILE A 227 16.10 -31.41 -5.17
CA ILE A 227 15.29 -30.48 -4.37
C ILE A 227 14.04 -30.12 -5.15
N TYR A 228 13.03 -29.69 -4.41
CA TYR A 228 11.80 -29.12 -4.93
C TYR A 228 11.62 -27.72 -4.32
N MET A 229 11.22 -26.77 -5.16
CA MET A 229 11.13 -25.39 -4.75
C MET A 229 9.92 -24.76 -5.37
N ARG A 230 9.36 -23.77 -4.66
CA ARG A 230 8.19 -23.04 -5.16
C ARG A 230 8.37 -21.57 -4.86
N ILE A 231 8.10 -20.74 -5.86
CA ILE A 231 8.26 -19.29 -5.72
C ILE A 231 6.94 -18.65 -6.08
N TYR A 232 6.51 -17.70 -5.26
CA TYR A 232 5.21 -17.04 -5.42
C TYR A 232 5.40 -15.53 -5.56
N PHE A 233 4.63 -14.91 -6.46
CA PHE A 233 4.62 -13.44 -6.58
C PHE A 233 3.25 -12.97 -7.00
N VAL A 234 3.01 -11.67 -6.86
CA VAL A 234 1.74 -11.08 -7.29
C VAL A 234 1.93 -10.54 -8.69
N ASN A 235 1.14 -11.08 -9.64
CA ASN A 235 1.26 -10.69 -11.03
C ASN A 235 0.29 -9.55 -11.38
N SER A 236 0.37 -9.04 -12.61
CA SER A 236 -0.41 -7.90 -13.05
C SER A 236 -1.91 -8.17 -13.18
N ASP A 237 -2.31 -9.43 -13.10
CA ASP A 237 -3.73 -9.82 -13.03
C ASP A 237 -4.23 -9.83 -11.59
N ASN A 238 -3.47 -9.31 -10.64
CA ASN A 238 -3.92 -9.29 -9.25
C ASN A 238 -4.26 -10.68 -8.76
N THR A 239 -3.39 -11.64 -9.10
CA THR A 239 -3.38 -12.98 -8.52
C THR A 239 -1.97 -13.36 -8.14
N ILE A 240 -1.84 -14.24 -7.16
CA ILE A 240 -0.57 -14.90 -6.90
C ILE A 240 -0.29 -15.90 -8.01
N TRP A 241 0.91 -15.81 -8.59
CA TRP A 241 1.44 -16.86 -9.47
C TRP A 241 2.46 -17.73 -8.74
N GLN A 242 2.53 -19.00 -9.15
CA GLN A 242 3.51 -19.97 -8.68
C GLN A 242 4.52 -20.29 -9.79
N VAL A 243 5.80 -20.27 -9.46
CA VAL A 243 6.83 -20.78 -10.33
C VAL A 243 7.39 -22.02 -9.66
N CSX A 244 7.53 -23.12 -10.41
CA CSX A 244 7.97 -24.41 -9.81
CB CSX A 244 7.06 -25.56 -10.25
SG CSX A 244 5.49 -25.33 -9.64
C CSX A 244 9.33 -24.88 -10.27
O CSX A 244 9.60 -24.88 -11.45
OD CSX A 244 4.62 -25.27 -10.85
N TRP A 245 10.17 -25.28 -9.32
CA TRP A 245 11.34 -26.09 -9.60
C TRP A 245 11.01 -27.50 -9.13
N ASP A 246 11.11 -28.47 -10.05
CA ASP A 246 11.00 -29.89 -9.69
C ASP A 246 12.23 -30.67 -10.14
N HIS A 247 12.79 -31.47 -9.24
CA HIS A 247 13.94 -32.26 -9.58
C HIS A 247 13.71 -33.06 -10.87
N GLY A 248 14.68 -33.02 -11.77
CA GLY A 248 14.58 -33.71 -13.06
C GLY A 248 13.98 -32.85 -14.18
N LYS A 249 13.22 -31.83 -13.82
CA LYS A 249 12.66 -30.91 -14.81
C LYS A 249 13.10 -29.47 -14.66
N GLY A 250 13.81 -29.13 -13.60
CA GLY A 250 14.15 -27.73 -13.34
C GLY A 250 12.94 -26.81 -13.22
N TYR A 251 13.11 -25.58 -13.70
CA TYR A 251 12.04 -24.58 -13.66
C TYR A 251 11.15 -24.82 -14.85
N HIS A 252 10.02 -25.47 -14.64
CA HIS A 252 9.28 -26.07 -15.75
C HIS A 252 7.85 -25.64 -15.89
N ASP A 253 7.34 -24.88 -14.92
CA ASP A 253 5.94 -24.57 -14.93
C ASP A 253 5.69 -23.29 -14.16
N LYS A 254 4.64 -22.59 -14.54
CA LYS A 254 4.22 -21.42 -13.83
C LYS A 254 2.79 -21.06 -14.25
N GLY A 255 2.03 -20.57 -13.27
CA GLY A 255 0.64 -20.20 -13.53
C GLY A 255 -0.02 -19.62 -12.33
N THR A 256 -1.23 -19.12 -12.54
CA THR A 256 -1.97 -18.44 -11.49
C THR A 256 -2.40 -19.42 -10.42
N ILE A 257 -2.42 -18.96 -9.17
CA ILE A 257 -2.89 -19.76 -8.04
C ILE A 257 -4.23 -19.23 -7.47
N THR A 258 -4.29 -17.95 -7.11
CA THR A 258 -5.50 -17.42 -6.44
C THR A 258 -5.56 -15.90 -6.49
N PRO A 259 -6.76 -15.30 -6.52
CA PRO A 259 -6.79 -13.84 -6.60
C PRO A 259 -6.41 -13.16 -5.28
N VAL A 260 -5.91 -11.94 -5.36
CA VAL A 260 -5.57 -11.20 -4.14
C VAL A 260 -5.96 -9.75 -4.37
N ILE A 261 -5.89 -8.95 -3.31
CA ILE A 261 -6.05 -7.52 -3.48
C ILE A 261 -4.82 -6.94 -4.15
N GLN A 262 -5.03 -5.88 -4.90
CA GLN A 262 -3.94 -5.08 -5.45
C GLN A 262 -2.89 -4.84 -4.35
N GLY A 263 -1.63 -5.16 -4.64
CA GLY A 263 -0.54 -4.94 -3.70
C GLY A 263 -0.50 -5.83 -2.47
N SER A 264 -1.18 -7.00 -2.51
CA SER A 264 -1.11 -7.94 -1.39
C SER A 264 0.31 -8.42 -1.19
N GLU A 265 0.69 -8.57 0.07
CA GLU A 265 1.89 -9.33 0.43
C GLU A 265 1.55 -10.82 0.48
N VAL A 266 2.60 -11.65 0.57
CA VAL A 266 2.48 -13.09 0.53
C VAL A 266 3.49 -13.79 1.42
N ALA A 267 3.02 -14.85 2.07
CA ALA A 267 3.89 -15.78 2.82
C ALA A 267 3.53 -17.19 2.41
N ILE A 268 4.53 -18.07 2.50
CA ILE A 268 4.41 -19.46 2.09
C ILE A 268 5.11 -20.28 3.18
N ILE A 269 4.52 -21.42 3.53
CA ILE A 269 5.19 -22.45 4.32
C ILE A 269 4.92 -23.83 3.68
N SER A 270 5.72 -24.81 4.03
CA SER A 270 5.57 -26.13 3.46
C SER A 270 6.08 -27.17 4.45
N TRP A 271 5.62 -28.42 4.29
CA TRP A 271 6.21 -29.55 4.98
C TRP A 271 5.97 -30.82 4.19
N GLY A 272 6.75 -31.87 4.47
CA GLY A 272 6.60 -33.16 3.81
C GLY A 272 7.26 -33.21 2.44
N SER A 273 6.86 -34.21 1.65
CA SER A 273 7.55 -34.53 0.41
C SER A 273 6.65 -35.40 -0.48
N PHE A 274 6.91 -35.37 -1.78
CA PHE A 274 6.19 -36.25 -2.71
C PHE A 274 6.40 -37.73 -2.33
N ALA A 275 7.55 -38.08 -1.77
CA ALA A 275 7.83 -39.47 -1.33
C ALA A 275 6.96 -39.94 -0.16
N ASN A 276 6.56 -39.03 0.74
CA ASN A 276 5.75 -39.42 1.91
C ASN A 276 4.40 -38.69 1.98
N ASN A 277 3.53 -38.95 1.00
CA ASN A 277 2.17 -38.39 0.94
C ASN A 277 2.05 -36.85 1.02
N GLY A 278 3.06 -36.16 0.52
CA GLY A 278 3.08 -34.70 0.56
C GLY A 278 3.41 -34.16 -0.81
N PRO A 279 3.87 -32.91 -0.87
CA PRO A 279 4.05 -31.97 0.22
C PRO A 279 2.71 -31.34 0.66
N ASP A 280 2.74 -30.67 1.82
CA ASP A 280 1.72 -29.74 2.21
C ASP A 280 2.24 -28.31 2.03
N LEU A 281 1.44 -27.44 1.40
CA LEU A 281 1.77 -26.03 1.19
C LEU A 281 0.68 -25.18 1.78
N ARG A 282 1.05 -24.08 2.46
CA ARG A 282 0.08 -23.04 2.84
C ARG A 282 0.53 -21.63 2.43
N LEU A 283 -0.32 -20.88 1.72
CA LEU A 283 -0.08 -19.47 1.41
C LEU A 283 -0.96 -18.61 2.30
N TYR A 284 -0.41 -17.49 2.76
CA TYR A 284 -1.20 -16.41 3.41
C TYR A 284 -1.05 -15.08 2.66
N PHE A 285 -2.13 -14.32 2.59
CA PHE A 285 -2.26 -13.17 1.72
C PHE A 285 -3.56 -12.45 2.04
N GLN A 286 -3.81 -11.32 1.36
CA GLN A 286 -5.07 -10.60 1.49
C GLN A 286 -5.80 -10.70 0.17
N ASN A 287 -7.02 -11.26 0.20
CA ASN A 287 -7.84 -11.31 -1.01
C ASN A 287 -9.12 -10.49 -0.85
N GLY A 288 -9.24 -9.75 0.27
CA GLY A 288 -10.39 -8.89 0.46
C GLY A 288 -11.55 -9.50 1.22
N THR A 289 -11.32 -10.64 1.89
CA THR A 289 -12.25 -11.22 2.83
C THR A 289 -12.36 -10.31 4.06
N TYR A 290 -13.60 -9.93 4.39
CA TYR A 290 -13.89 -8.94 5.40
C TYR A 290 -13.06 -7.68 5.17
N ILE A 291 -12.85 -7.36 3.89
CA ILE A 291 -12.06 -6.22 3.42
C ILE A 291 -10.58 -6.45 3.67
N SER A 292 -10.19 -6.49 4.95
CA SER A 292 -8.80 -6.47 5.34
C SER A 292 -8.28 -7.72 6.08
N ALA A 293 -9.07 -8.79 6.15
CA ALA A 293 -8.58 -10.04 6.75
C ALA A 293 -7.49 -10.72 5.87
N VAL A 294 -6.67 -11.52 6.54
CA VAL A 294 -5.68 -12.42 5.97
C VAL A 294 -6.35 -13.76 5.71
N SER A 295 -6.25 -14.24 4.47
CA SER A 295 -6.81 -15.54 4.09
C SER A 295 -5.71 -16.61 3.82
N GLU A 296 -6.14 -17.88 3.72
CA GLU A 296 -5.23 -19.00 3.51
C GLU A 296 -5.57 -19.76 2.21
N TRP A 297 -4.53 -20.32 1.57
CA TRP A 297 -4.71 -21.26 0.48
C TRP A 297 -3.91 -22.51 0.83
N VAL A 298 -4.38 -23.63 0.31
CA VAL A 298 -3.94 -24.96 0.75
C VAL A 298 -3.61 -25.81 -0.47
N TRP A 299 -2.46 -26.46 -0.45
CA TRP A 299 -2.23 -27.58 -1.35
C TRP A 299 -1.83 -28.76 -0.51
N ASN A 300 -2.48 -29.89 -0.78
CA ASN A 300 -2.12 -31.20 -0.21
C ASN A 300 -2.41 -32.29 -1.23
N ARG A 301 -1.99 -33.51 -0.91
CA ARG A 301 -2.27 -34.64 -1.79
C ARG A 301 -3.75 -34.99 -1.85
N ALA A 302 -4.46 -34.83 -0.73
CA ALA A 302 -5.85 -35.21 -0.67
C ALA A 302 -6.67 -34.46 -1.73
N HIS A 303 -6.52 -33.13 -1.83
CA HIS A 303 -7.39 -32.34 -2.72
C HIS A 303 -6.71 -31.40 -3.71
N GLY A 304 -5.40 -31.40 -3.75
CA GLY A 304 -4.72 -30.39 -4.56
C GLY A 304 -5.02 -28.98 -4.07
N SER A 305 -5.37 -28.12 -5.00
CA SER A 305 -5.49 -26.67 -4.79
C SER A 305 -6.85 -26.28 -4.25
N GLN A 306 -6.91 -25.70 -3.04
CA GLN A 306 -8.18 -25.28 -2.41
C GLN A 306 -7.95 -24.06 -1.51
N LEU A 307 -8.95 -23.20 -1.38
CA LEU A 307 -8.88 -22.17 -0.35
C LEU A 307 -8.98 -22.82 1.03
N GLY A 308 -8.29 -22.24 2.01
CA GLY A 308 -8.29 -22.77 3.35
C GLY A 308 -9.09 -21.87 4.22
N ARG A 309 -8.57 -21.58 5.41
CA ARG A 309 -9.20 -20.65 6.34
C ARG A 309 -9.54 -19.34 5.62
N SER A 310 -10.81 -19.00 5.63
CA SER A 310 -11.33 -17.87 4.92
C SER A 310 -10.79 -16.55 5.50
N ALA A 311 -10.72 -16.48 6.83
CA ALA A 311 -10.23 -15.28 7.48
C ALA A 311 -9.55 -15.66 8.77
N LEU A 312 -8.23 -15.45 8.84
CA LEU A 312 -7.47 -15.77 10.06
C LEU A 312 -7.88 -14.88 11.24
N PRO A 313 -7.71 -15.38 12.47
CA PRO A 313 -7.82 -14.50 13.64
C PRO A 313 -6.95 -13.26 13.47
N PRO A 314 -7.44 -12.09 13.91
CA PRO A 314 -8.60 -11.89 14.77
C PRO A 314 -9.91 -11.63 14.04
N ALA A 315 -10.00 -11.91 12.74
CA ALA A 315 -11.20 -11.61 11.97
C ALA A 315 -12.41 -12.35 12.54
N SER B 2 15.35 3.92 -11.56
CA SER B 2 14.90 4.97 -10.60
C SER B 2 15.90 6.12 -10.53
N THR B 3 15.65 7.06 -9.64
CA THR B 3 16.58 8.13 -9.35
C THR B 3 16.54 8.31 -7.88
N PRO B 4 17.58 8.93 -7.30
CA PRO B 4 17.57 9.24 -5.86
C PRO B 4 16.30 10.01 -5.43
N GLY B 5 15.86 10.96 -6.25
CA GLY B 5 14.67 11.73 -5.94
C GLY B 5 13.40 10.89 -5.95
N ALA B 6 13.20 10.10 -6.99
CA ALA B 6 12.03 9.26 -7.09
C ALA B 6 11.96 8.37 -5.86
N GLN B 7 13.11 7.86 -5.45
CA GLN B 7 13.19 6.93 -4.32
C GLN B 7 12.73 7.51 -2.99
N GLN B 8 12.63 8.84 -2.92
CA GLN B 8 12.19 9.48 -1.69
C GLN B 8 10.69 9.46 -1.59
N VAL B 9 10.01 9.23 -2.72
CA VAL B 9 8.56 9.26 -2.74
C VAL B 9 7.98 7.94 -2.20
N LEU B 10 7.04 8.01 -1.26
CA LEU B 10 6.43 6.81 -0.68
C LEU B 10 5.65 6.06 -1.73
N PHE B 11 5.88 4.74 -1.79
CA PHE B 11 5.12 3.87 -2.70
C PHE B 11 3.66 3.81 -2.20
N ARG B 12 2.71 4.11 -3.09
CA ARG B 12 1.28 4.27 -2.76
C ARG B 12 0.98 5.45 -1.84
N THR B 13 1.86 6.44 -1.85
CA THR B 13 1.61 7.70 -1.16
C THR B 13 0.22 8.29 -1.46
N GLY B 14 -0.33 8.93 -0.44
CA GLY B 14 -1.45 9.85 -0.65
C GLY B 14 -1.02 10.99 -1.56
N ILE B 15 -1.96 11.45 -2.39
CA ILE B 15 -1.67 12.51 -3.34
C ILE B 15 -2.83 13.50 -3.34
N ALA B 16 -2.50 14.78 -3.31
CA ALA B 16 -3.48 15.82 -3.51
C ALA B 16 -2.87 16.91 -4.38
N ALA B 17 -3.74 17.78 -4.90
CA ALA B 17 -3.31 18.84 -5.78
C ALA B 17 -4.32 19.97 -5.74
N VAL B 18 -3.80 21.19 -5.89
CA VAL B 18 -4.63 22.37 -6.01
C VAL B 18 -4.09 23.24 -7.13
N ASN B 19 -4.86 24.26 -7.51
CA ASN B 19 -4.45 25.16 -8.57
C ASN B 19 -5.15 26.50 -8.61
N SER B 20 -4.54 27.41 -9.34
CA SER B 20 -5.20 28.61 -9.86
C SER B 20 -4.93 28.56 -11.36
N THR B 21 -5.96 28.28 -12.13
CA THR B 21 -5.82 27.88 -13.53
C THR B 21 -4.58 26.95 -13.68
N ASN B 22 -3.62 27.34 -14.52
CA ASN B 22 -2.48 26.48 -14.83
C ASN B 22 -1.27 26.72 -13.95
N HIS B 23 -1.51 27.33 -12.81
CA HIS B 23 -0.52 27.40 -11.73
C HIS B 23 -0.87 26.29 -10.72
N LEU B 24 0.00 25.29 -10.61
CA LEU B 24 -0.32 24.01 -9.98
C LEU B 24 0.53 23.76 -8.72
N ARG B 25 -0.05 23.07 -7.73
CA ARG B 25 0.71 22.54 -6.57
C ARG B 25 0.26 21.10 -6.33
N VAL B 26 1.23 20.22 -6.02
CA VAL B 26 0.99 18.80 -5.76
C VAL B 26 1.65 18.40 -4.46
N TYR B 27 0.88 17.68 -3.63
CA TYR B 27 1.28 17.25 -2.30
C TYR B 27 1.41 15.75 -2.24
N PHE B 28 2.45 15.27 -1.58
CA PHE B 28 2.67 13.82 -1.43
C PHE B 28 3.46 13.60 -0.18
N GLN B 29 3.58 12.33 0.21
CA GLN B 29 4.32 11.92 1.41
C GLN B 29 5.63 11.26 0.98
N ASP B 30 6.69 11.53 1.73
CA ASP B 30 7.97 10.90 1.48
C ASP B 30 8.12 9.67 2.37
N VAL B 31 9.19 8.93 2.16
CA VAL B 31 9.37 7.65 2.83
C VAL B 31 9.57 7.83 4.35
N TYR B 32 9.89 9.04 4.77
CA TYR B 32 10.07 9.32 6.22
C TYR B 32 8.82 9.89 6.85
N GLY B 33 7.75 10.06 6.07
CA GLY B 33 6.48 10.51 6.62
C GLY B 33 6.19 12.01 6.49
N SER B 34 7.13 12.78 5.95
CA SER B 34 6.90 14.20 5.77
C SER B 34 6.09 14.46 4.54
N ILE B 35 5.25 15.48 4.60
CA ILE B 35 4.46 15.90 3.45
C ILE B 35 5.24 16.98 2.72
N ARG B 36 5.31 16.89 1.38
CA ARG B 36 6.12 17.79 0.58
C ARG B 36 5.29 18.40 -0.52
N GLU B 37 5.71 19.58 -0.99
CA GLU B 37 5.03 20.27 -2.08
C GLU B 37 5.94 20.37 -3.32
N SER B 38 5.41 19.93 -4.47
CA SER B 38 5.99 20.23 -5.77
C SER B 38 5.10 21.29 -6.42
N LEU B 39 5.65 22.05 -7.37
CA LEU B 39 4.86 23.12 -8.00
C LEU B 39 5.15 23.24 -9.50
N TYR B 40 4.16 23.74 -10.21
CA TYR B 40 4.30 24.09 -11.62
C TYR B 40 3.98 25.57 -11.80
N GLU B 41 5.01 26.36 -12.12
CA GLU B 41 4.87 27.77 -12.48
C GLU B 41 5.64 27.98 -13.78
N GLY B 42 5.06 27.56 -14.90
CA GLY B 42 5.73 27.58 -16.22
C GLY B 42 6.70 26.42 -16.42
N SER B 43 7.01 25.73 -15.32
CA SER B 43 7.92 24.59 -15.29
C SER B 43 7.83 24.00 -13.89
N TRP B 44 8.19 22.72 -13.78
CA TRP B 44 8.06 21.93 -12.56
C TRP B 44 9.23 22.13 -11.63
N ALA B 45 8.97 22.21 -10.33
CA ALA B 45 10.01 22.49 -9.34
C ALA B 45 9.64 21.95 -7.96
N ASN B 46 10.64 21.88 -7.09
CA ASN B 46 10.50 21.60 -5.66
C ASN B 46 10.28 20.11 -5.36
N GLY B 47 9.48 19.74 -4.36
CA GLY B 47 9.31 18.32 -4.02
C GLY B 47 10.43 17.73 -3.18
N THR B 48 11.35 18.58 -2.71
CA THR B 48 12.54 18.12 -1.99
C THR B 48 12.32 18.24 -0.50
N GLU B 49 13.31 17.81 0.27
CA GLU B 49 13.26 17.90 1.72
C GLU B 49 13.18 19.34 2.22
N LYS B 50 13.52 20.30 1.37
CA LYS B 50 13.39 21.69 1.77
C LYS B 50 11.96 22.22 1.55
N ASN B 51 11.11 21.42 0.87
CA ASN B 51 9.71 21.76 0.64
C ASN B 51 8.76 20.92 1.46
N VAL B 52 9.15 20.64 2.69
CA VAL B 52 8.31 19.94 3.64
C VAL B 52 7.38 20.93 4.32
N ILE B 53 6.07 20.66 4.29
CA ILE B 53 5.06 21.50 4.92
C ILE B 53 4.54 20.94 6.24
N GLY B 54 5.05 19.77 6.63
CA GLY B 54 4.66 19.12 7.88
C GLY B 54 4.85 17.60 7.81
N ASN B 55 4.42 16.92 8.87
CA ASN B 55 4.59 15.47 9.04
C ASN B 55 3.29 14.81 9.45
N ALA B 56 3.09 13.61 8.92
CA ALA B 56 1.86 12.85 9.10
C ALA B 56 2.26 11.39 9.34
N LYS B 57 1.36 10.60 9.92
CA LYS B 57 1.63 9.19 10.11
C LYS B 57 1.92 8.55 8.75
N LEU B 58 2.83 7.57 8.74
CA LEU B 58 3.21 6.90 7.49
C LEU B 58 2.02 6.22 6.88
N GLY B 59 1.79 6.40 5.59
CA GLY B 59 0.62 5.84 4.92
C GLY B 59 -0.60 6.77 4.97
N SER B 60 -0.46 7.93 5.61
CA SER B 60 -1.59 8.84 5.83
C SER B 60 -2.33 9.17 4.55
N PRO B 61 -3.65 9.36 4.63
CA PRO B 61 -4.30 10.02 3.51
C PRO B 61 -3.77 11.45 3.41
N VAL B 62 -3.88 12.00 2.21
CA VAL B 62 -3.44 13.36 1.92
C VAL B 62 -4.55 14.05 1.11
N ALA B 63 -5.15 15.11 1.65
CA ALA B 63 -6.21 15.81 0.93
C ALA B 63 -5.91 17.29 0.91
N ALA B 64 -6.36 18.00 -0.11
CA ALA B 64 -6.08 19.43 -0.16
C ALA B 64 -7.11 20.20 -0.95
N THR B 65 -7.34 21.44 -0.55
CA THR B 65 -8.28 22.29 -1.25
C THR B 65 -7.75 23.73 -1.19
N SER B 66 -8.25 24.57 -2.08
CA SER B 66 -7.75 25.93 -2.15
C SER B 66 -8.79 26.92 -2.65
N LYS B 67 -8.54 28.19 -2.35
CA LYS B 67 -9.18 29.30 -3.04
C LYS B 67 -8.07 29.93 -3.88
N GLU B 68 -8.14 29.68 -5.19
CA GLU B 68 -7.03 29.92 -6.11
C GLU B 68 -5.74 29.43 -5.42
N LEU B 69 -4.68 30.21 -5.39
CA LEU B 69 -3.54 29.87 -4.56
C LEU B 69 -3.29 30.88 -3.45
N LYS B 70 -4.34 31.60 -3.06
CA LYS B 70 -4.27 32.57 -1.97
C LYS B 70 -4.38 31.91 -0.60
N HIS B 71 -5.20 30.88 -0.56
CA HIS B 71 -5.43 30.10 0.64
C HIS B 71 -5.39 28.62 0.23
N ILE B 72 -4.50 27.86 0.86
CA ILE B 72 -4.38 26.44 0.59
C ILE B 72 -4.45 25.74 1.92
N ARG B 73 -5.11 24.59 1.93
CA ARG B 73 -5.24 23.78 3.14
C ARG B 73 -4.99 22.31 2.81
N VAL B 74 -4.16 21.64 3.62
CA VAL B 74 -3.75 20.25 3.38
C VAL B 74 -4.05 19.44 4.61
N TYR B 75 -4.75 18.34 4.41
CA TYR B 75 -5.27 17.52 5.50
C TYR B 75 -4.65 16.13 5.52
N THR B 76 -4.21 15.71 6.70
CA THR B 76 -3.56 14.41 6.89
C THR B 76 -3.98 13.86 8.24
N LEU B 77 -3.43 12.70 8.64
CA LEU B 77 -3.69 12.13 9.95
C LEU B 77 -2.44 12.13 10.81
N THR B 78 -2.60 12.36 12.11
CA THR B 78 -1.48 12.27 13.06
C THR B 78 -1.21 10.81 13.41
N GLU B 79 -0.12 10.57 14.13
CA GLU B 79 0.17 9.24 14.68
C GLU B 79 -0.99 8.80 15.53
N GLY B 80 -1.57 9.77 16.23
CA GLY B 80 -2.74 9.55 17.09
C GLY B 80 -4.07 9.31 16.38
N ASN B 81 -4.08 9.32 15.04
CA ASN B 81 -5.29 9.15 14.25
C ASN B 81 -6.31 10.29 14.43
N THR B 82 -5.81 11.50 14.63
CA THR B 82 -6.67 12.66 14.67
C THR B 82 -6.45 13.46 13.40
N LEU B 83 -7.47 14.21 12.99
CA LEU B 83 -7.38 15.06 11.82
C LEU B 83 -6.47 16.26 12.10
N GLN B 84 -5.68 16.62 11.11
CA GLN B 84 -4.83 17.80 11.22
C GLN B 84 -4.77 18.51 9.89
N GLU B 85 -4.26 19.73 9.93
CA GLU B 85 -4.28 20.60 8.78
C GLU B 85 -3.00 21.44 8.69
N PHE B 86 -2.42 21.51 7.51
CA PHE B 86 -1.33 22.46 7.26
C PHE B 86 -1.87 23.57 6.38
N ALA B 87 -1.63 24.82 6.78
CA ALA B 87 -2.25 25.96 6.12
C ALA B 87 -1.26 26.92 5.51
N TYR B 88 -1.60 27.42 4.31
CA TYR B 88 -0.88 28.50 3.65
C TYR B 88 -1.85 29.64 3.37
N ASP B 89 -1.52 30.85 3.83
CA ASP B 89 -2.18 32.09 3.38
C ASP B 89 -1.14 32.99 2.75
N SER B 90 -1.46 33.58 1.62
N SER B 90 -1.46 33.55 1.60
CA SER B 90 -0.56 34.50 0.94
CA SER B 90 -0.60 34.52 0.94
C SER B 90 -0.24 35.67 1.84
C SER B 90 -0.23 35.62 1.89
N GLY B 91 1.04 35.99 1.94
CA GLY B 91 1.51 37.01 2.86
C GLY B 91 1.88 36.47 4.22
N THR B 92 1.34 35.30 4.61
CA THR B 92 1.68 34.64 5.87
C THR B 92 2.64 33.46 5.69
N GLY B 93 2.48 32.69 4.62
CA GLY B 93 3.23 31.46 4.42
C GLY B 93 2.56 30.29 5.13
N TRP B 94 3.34 29.22 5.38
CA TRP B 94 2.81 27.97 5.92
C TRP B 94 2.76 27.95 7.43
N TYR B 95 1.67 27.43 7.97
CA TYR B 95 1.54 27.24 9.41
C TYR B 95 0.67 26.05 9.78
N ASN B 96 0.78 25.67 11.04
CA ASN B 96 -0.05 24.63 11.58
C ASN B 96 -1.46 25.15 11.81
N GLY B 97 -2.41 24.64 11.03
CA GLY B 97 -3.78 25.09 11.11
C GLY B 97 -4.50 24.64 12.38
N GLY B 98 -5.67 25.24 12.63
CA GLY B 98 -6.40 25.05 13.89
C GLY B 98 -7.14 23.72 14.00
N LEU B 99 -7.21 22.94 12.93
CA LEU B 99 -7.96 21.70 12.98
C LEU B 99 -7.43 20.72 14.04
N GLY B 100 -6.12 20.57 14.11
CA GLY B 100 -5.50 19.64 15.05
C GLY B 100 -5.93 19.88 16.49
N GLY B 101 -6.12 21.14 16.83
CA GLY B 101 -6.60 21.53 18.15
C GLY B 101 -7.92 20.93 18.53
N ALA B 102 -8.79 20.64 17.55
CA ALA B 102 -10.10 20.06 17.84
C ALA B 102 -10.02 18.57 18.25
N LYS B 103 -8.93 17.89 17.91
CA LYS B 103 -8.73 16.48 18.25
C LYS B 103 -9.85 15.55 17.79
N PHE B 104 -10.28 15.69 16.54
CA PHE B 104 -11.29 14.78 16.03
C PHE B 104 -10.64 13.44 15.77
N GLN B 105 -11.07 12.42 16.48
CA GLN B 105 -10.47 11.10 16.42
C GLN B 105 -11.21 10.35 15.32
N VAL B 106 -10.48 9.79 14.34
CA VAL B 106 -11.12 8.98 13.28
C VAL B 106 -10.58 7.55 13.23
N ALA B 107 -11.15 6.70 12.37
CA ALA B 107 -10.64 5.34 12.22
C ALA B 107 -9.20 5.41 11.71
N PRO B 108 -8.35 4.47 12.12
CA PRO B 108 -6.96 4.43 11.62
C PRO B 108 -6.85 4.34 10.09
N TYR B 109 -7.81 3.66 9.49
CA TYR B 109 -7.90 3.50 8.03
C TYR B 109 -8.76 4.55 7.32
N SER B 110 -9.16 5.62 8.01
CA SER B 110 -9.92 6.70 7.38
C SER B 110 -9.13 7.36 6.24
N CYS B 111 -9.82 7.66 5.15
CA CYS B 111 -9.38 8.63 4.17
C CYS B 111 -9.92 10.03 4.56
N ILE B 112 -9.60 11.03 3.73
CA ILE B 112 -10.09 12.40 3.91
C ILE B 112 -10.37 13.04 2.58
N ALA B 113 -11.45 13.83 2.52
CA ALA B 113 -11.67 14.81 1.46
C ALA B 113 -11.95 16.17 2.07
N ALA B 114 -11.79 17.20 1.26
CA ALA B 114 -11.93 18.57 1.72
C ALA B 114 -12.36 19.50 0.58
N VAL B 115 -13.26 20.42 0.88
CA VAL B 115 -13.66 21.47 -0.07
C VAL B 115 -13.76 22.81 0.63
N PHE B 116 -13.37 23.88 -0.06
CA PHE B 116 -13.83 25.21 0.27
C PHE B 116 -15.18 25.33 -0.39
N LEU B 117 -16.17 25.89 0.31
CA LEU B 117 -17.49 26.07 -0.30
C LEU B 117 -17.40 27.09 -1.43
N ALA B 118 -18.01 26.75 -2.57
CA ALA B 118 -17.86 27.51 -3.78
C ALA B 118 -18.69 28.78 -3.76
N GLY B 119 -18.24 29.78 -4.52
CA GLY B 119 -19.06 30.95 -4.83
C GLY B 119 -19.16 31.97 -3.72
N THR B 120 -18.19 32.02 -2.82
CA THR B 120 -18.17 33.03 -1.76
C THR B 120 -16.73 33.42 -1.45
N ASP B 121 -16.53 34.67 -1.04
CA ASP B 121 -15.18 35.13 -0.65
C ASP B 121 -14.87 34.66 0.75
N ALA B 122 -15.89 34.40 1.56
CA ALA B 122 -15.69 33.87 2.92
C ALA B 122 -14.97 32.51 2.88
N LEU B 123 -14.22 32.22 3.93
CA LEU B 123 -13.48 30.96 4.04
C LEU B 123 -14.30 29.95 4.86
N GLN B 124 -14.98 29.10 4.13
CA GLN B 124 -15.85 28.07 4.68
C GLN B 124 -15.42 26.69 4.16
N LEU B 125 -15.09 25.81 5.08
CA LEU B 125 -14.47 24.53 4.76
C LEU B 125 -15.36 23.44 5.23
N ARG B 126 -15.48 22.40 4.39
CA ARG B 126 -16.07 21.14 4.83
C ARG B 126 -15.08 20.02 4.58
N ILE B 127 -14.80 19.26 5.63
CA ILE B 127 -13.87 18.14 5.61
C ILE B 127 -14.68 16.88 5.81
N TYR B 128 -14.30 15.78 5.15
CA TYR B 128 -15.01 14.51 5.28
C TYR B 128 -14.06 13.37 5.63
N ALA B 129 -14.42 12.57 6.62
CA ALA B 129 -13.58 11.45 7.08
C ALA B 129 -14.46 10.37 7.66
N GLN B 130 -13.85 9.27 8.13
CA GLN B 130 -14.60 8.11 8.56
C GLN B 130 -14.26 7.81 9.99
N LYS B 131 -15.29 7.79 10.84
CA LYS B 131 -15.12 7.54 12.27
C LYS B 131 -14.98 6.05 12.54
N PRO B 132 -14.57 5.69 13.77
CA PRO B 132 -14.39 4.27 14.09
C PRO B 132 -15.60 3.41 13.84
N ASP B 133 -16.80 3.98 13.84
CA ASP B 133 -18.00 3.18 13.58
C ASP B 133 -18.31 3.06 12.08
N ASN B 134 -17.37 3.53 11.26
CA ASN B 134 -17.44 3.48 9.78
C ASN B 134 -18.41 4.44 9.11
N THR B 135 -18.94 5.39 9.86
CA THR B 135 -19.78 6.46 9.29
C THR B 135 -18.90 7.59 8.75
N ILE B 136 -19.36 8.21 7.68
CA ILE B 136 -18.70 9.38 7.14
C ILE B 136 -19.18 10.55 7.96
N GLN B 137 -18.24 11.29 8.53
CA GLN B 137 -18.54 12.50 9.25
C GLN B 137 -18.05 13.72 8.48
N GLU B 138 -18.88 14.74 8.39
CA GLU B 138 -18.49 16.07 7.95
C GLU B 138 -18.02 16.89 9.17
N TYR B 139 -16.90 17.61 9.01
CA TYR B 139 -16.40 18.60 9.97
C TYR B 139 -16.41 19.97 9.25
N MET B 140 -16.73 21.02 10.01
CA MET B 140 -17.01 22.36 9.47
C MET B 140 -16.14 23.41 10.10
N TRP B 141 -15.69 24.35 9.27
CA TRP B 141 -15.17 25.63 9.74
C TRP B 141 -15.96 26.72 9.03
N ASN B 142 -16.58 27.59 9.81
CA ASN B 142 -17.29 28.74 9.27
C ASN B 142 -16.81 30.05 9.90
N GLY B 143 -15.60 30.09 10.44
CA GLY B 143 -15.04 31.30 11.05
C GLY B 143 -15.00 31.29 12.58
N ASP B 144 -15.88 30.52 13.21
CA ASP B 144 -16.00 30.53 14.66
C ASP B 144 -15.52 29.20 15.25
N GLY B 145 -14.40 28.69 14.73
CA GLY B 145 -13.83 27.44 15.21
C GLY B 145 -14.38 26.19 14.54
N TRP B 146 -13.65 25.08 14.72
CA TRP B 146 -14.00 23.83 14.08
C TRP B 146 -15.10 23.09 14.85
N LYS B 147 -16.09 22.56 14.12
CA LYS B 147 -17.10 21.74 14.73
C LYS B 147 -17.65 20.68 13.81
N GLU B 148 -18.28 19.67 14.41
CA GLU B 148 -18.84 18.58 13.64
C GLU B 148 -20.08 19.05 12.91
N GLY B 149 -20.21 18.65 11.66
CA GLY B 149 -21.36 18.94 10.85
C GLY B 149 -22.22 17.71 10.74
N THR B 150 -22.80 17.48 9.57
CA THR B 150 -23.69 16.38 9.34
C THR B 150 -22.96 15.00 9.28
N ASN B 151 -23.56 13.99 9.92
CA ASN B 151 -23.10 12.61 9.73
C ASN B 151 -23.82 11.98 8.54
N LEU B 152 -23.08 11.51 7.54
CA LEU B 152 -23.69 10.97 6.32
C LEU B 152 -23.79 9.42 6.28
N GLY B 153 -23.64 8.76 7.42
CA GLY B 153 -23.99 7.36 7.54
C GLY B 153 -22.89 6.41 7.13
N GLY B 154 -23.25 5.12 7.02
CA GLY B 154 -22.28 4.03 6.89
C GLY B 154 -21.59 3.91 5.54
N ALA B 155 -20.32 3.48 5.56
CA ALA B 155 -19.57 3.21 4.32
C ALA B 155 -18.55 2.10 4.56
N LEU B 156 -18.02 1.55 3.47
CA LEU B 156 -16.98 0.52 3.56
C LEU B 156 -15.84 0.99 4.45
N PRO B 157 -15.41 0.15 5.41
CA PRO B 157 -14.33 0.63 6.27
C PRO B 157 -13.05 0.82 5.46
N GLY B 158 -12.52 2.03 5.48
CA GLY B 158 -11.34 2.37 4.69
C GLY B 158 -11.66 2.88 3.30
N THR B 159 -12.93 3.20 3.05
CA THR B 159 -13.37 3.75 1.77
C THR B 159 -12.54 4.97 1.35
N GLY B 160 -12.31 5.07 0.04
CA GLY B 160 -11.90 6.32 -0.56
C GLY B 160 -13.01 7.35 -0.38
N ILE B 161 -12.61 8.62 -0.36
CA ILE B 161 -13.57 9.72 -0.32
C ILE B 161 -13.18 10.80 -1.32
N GLY B 162 -14.10 11.09 -2.24
CA GLY B 162 -13.98 12.23 -3.15
C GLY B 162 -15.04 13.28 -2.88
N ALA B 163 -14.71 14.54 -3.12
CA ALA B 163 -15.64 15.64 -2.89
C ALA B 163 -15.39 16.84 -3.79
N THR B 164 -16.45 17.62 -3.97
CA THR B 164 -16.41 18.88 -4.73
C THR B 164 -17.55 19.80 -4.28
N SER B 165 -17.30 21.10 -4.34
CA SER B 165 -18.34 22.11 -4.13
C SER B 165 -18.43 23.00 -5.34
N PHE B 166 -19.64 23.37 -5.67
CA PHE B 166 -19.90 24.28 -6.77
C PHE B 166 -21.16 25.06 -6.40
N ARG B 167 -21.40 26.14 -7.10
CA ARG B 167 -22.54 26.98 -6.83
C ARG B 167 -23.16 27.26 -8.15
N TYR B 168 -24.37 26.73 -8.35
CA TYR B 168 -25.14 27.02 -9.55
C TYR B 168 -25.35 28.53 -9.61
N THR B 169 -25.35 29.07 -10.83
CA THR B 169 -25.43 30.54 -10.98
C THR B 169 -26.82 31.09 -10.64
N ASP B 170 -27.84 30.23 -10.62
CA ASP B 170 -29.19 30.61 -10.18
C ASP B 170 -29.54 30.29 -8.71
N TYR B 171 -28.54 29.90 -7.92
CA TYR B 171 -28.75 29.54 -6.53
C TYR B 171 -28.14 30.61 -5.66
N ASN B 172 -28.61 30.71 -4.43
CA ASN B 172 -28.07 31.72 -3.54
C ASN B 172 -27.24 31.10 -2.44
N GLY B 173 -26.73 29.90 -2.70
CA GLY B 173 -25.91 29.15 -1.74
C GLY B 173 -25.20 27.97 -2.43
N PRO B 174 -24.17 27.42 -1.78
CA PRO B 174 -23.32 26.40 -2.37
C PRO B 174 -23.93 25.00 -2.38
N SER B 175 -23.55 24.23 -3.39
CA SER B 175 -23.84 22.81 -3.43
C SER B 175 -22.57 22.00 -3.13
N ILE B 176 -22.76 20.77 -2.69
CA ILE B 176 -21.64 19.87 -2.40
C ILE B 176 -22.00 18.47 -2.89
N ARG B 177 -21.05 17.77 -3.50
CA ARG B 177 -21.22 16.36 -3.82
C ARG B 177 -20.03 15.57 -3.27
N ILE B 178 -20.30 14.42 -2.65
CA ILE B 178 -19.25 13.53 -2.21
C ILE B 178 -19.51 12.15 -2.77
N TRP B 179 -18.43 11.41 -2.95
CA TRP B 179 -18.50 10.03 -3.41
C TRP B 179 -17.67 9.12 -2.51
N PHE B 180 -18.18 7.90 -2.31
CA PHE B 180 -17.49 6.89 -1.53
C PHE B 180 -18.03 5.50 -1.84
N GLN B 181 -17.46 4.51 -1.17
CA GLN B 181 -17.77 3.10 -1.41
C GLN B 181 -18.55 2.50 -0.25
N THR B 182 -19.55 1.69 -0.58
CA THR B 182 -20.38 1.07 0.47
C THR B 182 -19.95 -0.37 0.69
N ASP B 183 -20.48 -1.00 1.73
CA ASP B 183 -20.10 -2.38 2.08
C ASP B 183 -20.28 -3.35 0.93
N ASP B 184 -21.26 -3.11 0.05
CA ASP B 184 -21.46 -3.97 -1.13
C ASP B 184 -20.46 -3.71 -2.28
N LEU B 185 -19.44 -2.88 -2.05
CA LEU B 185 -18.40 -2.52 -3.05
C LEU B 185 -18.84 -1.55 -4.16
N LYS B 186 -20.08 -1.07 -4.10
CA LYS B 186 -20.57 -0.03 -5.00
C LYS B 186 -19.88 1.29 -4.67
N LEU B 187 -19.74 2.11 -5.70
CA LEU B 187 -19.36 3.50 -5.54
C LEU B 187 -20.61 4.34 -5.64
N VAL B 188 -20.81 5.22 -4.67
CA VAL B 188 -22.04 6.02 -4.65
C VAL B 188 -21.76 7.51 -4.47
N GLN B 189 -22.76 8.32 -4.84
CA GLN B 189 -22.77 9.77 -4.60
C GLN B 189 -23.75 10.09 -3.49
N ARG B 190 -23.37 11.02 -2.61
CA ARG B 190 -24.34 11.78 -1.80
C ARG B 190 -24.26 13.28 -2.15
N ALA B 191 -25.37 13.99 -1.92
CA ALA B 191 -25.52 15.33 -2.46
C ALA B 191 -26.13 16.30 -1.48
N TYR B 192 -25.61 17.52 -1.46
CA TYR B 192 -26.19 18.59 -0.69
C TYR B 192 -26.52 19.74 -1.62
N ASP B 193 -27.78 20.15 -1.60
CA ASP B 193 -28.25 21.41 -2.16
C ASP B 193 -28.91 22.21 -1.04
N PRO B 194 -28.91 23.56 -1.14
CA PRO B 194 -29.37 24.35 0.02
C PRO B 194 -30.88 24.27 0.34
N HIS B 195 -31.70 23.96 -0.65
CA HIS B 195 -33.14 23.67 -0.43
C HIS B 195 -33.50 22.26 0.04
N LYS B 196 -32.86 21.24 -0.52
CA LYS B 196 -33.14 19.86 -0.15
C LYS B 196 -32.26 19.39 1.01
N GLY B 197 -31.30 20.19 1.45
CA GLY B 197 -30.29 19.69 2.40
C GLY B 197 -29.53 18.50 1.80
N TRP B 198 -29.17 17.53 2.63
CA TRP B 198 -28.62 16.29 2.11
C TRP B 198 -29.73 15.42 1.56
N TYR B 199 -29.72 15.15 0.26
CA TYR B 199 -30.69 14.24 -0.36
C TYR B 199 -30.64 12.89 0.36
N PRO B 200 -31.80 12.26 0.52
CA PRO B 200 -31.80 11.02 1.30
C PRO B 200 -31.12 9.85 0.59
N ASP B 201 -31.21 9.82 -0.73
CA ASP B 201 -30.76 8.70 -1.54
C ASP B 201 -29.27 8.73 -1.85
N LEU B 202 -28.68 7.54 -1.90
CA LEU B 202 -27.35 7.30 -2.43
C LEU B 202 -27.53 6.97 -3.90
N VAL B 203 -26.84 7.67 -4.79
CA VAL B 203 -26.93 7.38 -6.22
C VAL B 203 -25.71 6.56 -6.61
N THR B 204 -25.94 5.39 -7.22
CA THR B 204 -24.87 4.50 -7.64
C THR B 204 -24.18 5.00 -8.89
N ILE B 205 -22.87 5.21 -8.83
CA ILE B 205 -22.08 5.61 -10.02
C ILE B 205 -21.19 4.50 -10.58
N PHE B 206 -20.98 3.44 -9.80
CA PHE B 206 -20.27 2.29 -10.30
C PHE B 206 -20.68 1.04 -9.51
N ASP B 207 -21.02 -0.02 -10.23
CA ASP B 207 -21.64 -1.22 -9.61
C ASP B 207 -20.76 -1.91 -8.60
N ARG B 208 -19.48 -2.03 -8.92
CA ARG B 208 -18.55 -2.78 -8.08
C ARG B 208 -17.14 -2.31 -8.34
N ALA B 209 -16.43 -1.95 -7.28
CA ALA B 209 -15.04 -1.57 -7.42
C ALA B 209 -14.16 -2.30 -6.39
N PRO B 210 -12.84 -2.31 -6.61
CA PRO B 210 -11.94 -2.91 -5.65
C PRO B 210 -12.12 -2.32 -4.24
N PRO B 211 -11.92 -3.15 -3.21
CA PRO B 211 -12.09 -2.69 -1.84
C PRO B 211 -11.10 -1.61 -1.48
N ARG B 212 -11.60 -0.50 -0.93
CA ARG B 212 -10.73 0.64 -0.57
C ARG B 212 -10.06 1.30 -1.78
N THR B 213 -10.58 1.08 -2.98
CA THR B 213 -10.04 1.77 -4.14
C THR B 213 -10.00 3.27 -3.93
N ALA B 214 -9.03 3.94 -4.56
CA ALA B 214 -8.94 5.40 -4.48
C ALA B 214 -10.09 6.04 -5.25
N ILE B 215 -10.53 7.20 -4.75
CA ILE B 215 -11.68 7.93 -5.32
C ILE B 215 -11.37 9.42 -5.29
N ALA B 216 -11.36 10.08 -6.45
CA ALA B 216 -11.16 11.54 -6.52
C ALA B 216 -12.11 12.18 -7.48
N ALA B 217 -12.47 13.44 -7.23
CA ALA B 217 -13.51 14.14 -8.00
C ALA B 217 -13.28 15.63 -8.17
N THR B 218 -13.83 16.15 -9.26
CA THR B 218 -13.76 17.56 -9.57
C THR B 218 -15.09 18.00 -10.21
N SER B 219 -15.35 19.30 -10.24
CA SER B 219 -16.44 19.84 -11.03
C SER B 219 -16.04 21.16 -11.71
N PHE B 220 -16.72 21.48 -12.80
CA PHE B 220 -16.47 22.70 -13.53
C PHE B 220 -17.72 23.13 -14.32
N GLY B 221 -17.73 24.39 -14.73
CA GLY B 221 -18.71 24.90 -15.69
C GLY B 221 -20.08 25.08 -15.08
N ALA B 222 -20.13 25.51 -13.81
CA ALA B 222 -21.41 25.67 -13.11
C ALA B 222 -22.25 26.73 -13.82
N GLY B 223 -23.49 26.41 -14.14
CA GLY B 223 -24.39 27.36 -14.80
C GLY B 223 -25.73 27.45 -14.09
N ASN B 224 -26.78 27.76 -14.84
CA ASN B 224 -28.14 27.78 -14.28
C ASN B 224 -28.67 26.35 -14.13
N SER B 225 -28.67 25.89 -12.88
CA SER B 225 -29.00 24.52 -12.53
C SER B 225 -28.27 23.51 -13.43
N SER B 226 -27.01 23.82 -13.72
CA SER B 226 -26.20 22.98 -14.60
C SER B 226 -24.76 22.87 -14.06
N ILE B 227 -24.16 21.71 -14.29
CA ILE B 227 -22.82 21.42 -13.71
C ILE B 227 -22.17 20.30 -14.51
N TYR B 228 -20.85 20.28 -14.53
CA TYR B 228 -20.13 19.14 -15.05
C TYR B 228 -19.29 18.58 -13.93
N MET B 229 -19.23 17.25 -13.85
N MET B 229 -19.22 17.26 -13.86
CA MET B 229 -18.45 16.60 -12.81
CA MET B 229 -18.46 16.60 -12.81
C MET B 229 -17.75 15.40 -13.40
C MET B 229 -17.75 15.40 -13.40
N ARG B 230 -16.61 15.06 -12.80
CA ARG B 230 -15.79 13.91 -13.19
C ARG B 230 -15.33 13.19 -11.92
N ILE B 231 -15.50 11.88 -11.87
CA ILE B 231 -15.06 11.08 -10.72
C ILE B 231 -14.11 9.99 -11.21
N TYR B 232 -13.03 9.79 -10.47
CA TYR B 232 -11.95 8.87 -10.86
C TYR B 232 -11.71 7.87 -9.75
N PHE B 233 -11.56 6.60 -10.12
CA PHE B 233 -11.19 5.54 -9.15
C PHE B 233 -10.27 4.50 -9.80
N VAL B 234 -9.65 3.64 -9.00
CA VAL B 234 -8.78 2.61 -9.53
C VAL B 234 -9.59 1.32 -9.67
N ASN B 235 -9.76 0.88 -10.91
CA ASN B 235 -10.54 -0.30 -11.19
C ASN B 235 -9.70 -1.57 -11.11
N SER B 236 -10.36 -2.72 -11.27
CA SER B 236 -9.73 -4.02 -11.12
C SER B 236 -8.71 -4.34 -12.21
N ASP B 237 -8.73 -3.59 -13.31
CA ASP B 237 -7.74 -3.76 -14.38
C ASP B 237 -6.50 -2.89 -14.13
N ASN B 238 -6.34 -2.40 -12.88
CA ASN B 238 -5.20 -1.56 -12.50
C ASN B 238 -5.04 -0.36 -13.42
N THR B 239 -6.17 0.27 -13.72
CA THR B 239 -6.23 1.54 -14.41
C THR B 239 -7.17 2.49 -13.65
N ILE B 240 -6.92 3.79 -13.83
CA ILE B 240 -7.88 4.82 -13.42
C ILE B 240 -9.04 4.78 -14.40
N TRP B 241 -10.26 4.70 -13.87
CA TRP B 241 -11.48 4.88 -14.66
C TRP B 241 -12.09 6.23 -14.33
N GLN B 242 -12.73 6.83 -15.33
CA GLN B 242 -13.44 8.08 -15.21
C GLN B 242 -14.94 7.79 -15.29
N VAL B 243 -15.70 8.39 -14.38
CA VAL B 243 -17.16 8.49 -14.51
C VAL B 243 -17.55 9.94 -14.76
N CSX B 244 -18.41 10.18 -15.76
CA CSX B 244 -18.80 11.54 -16.15
CB CSX B 244 -18.69 11.65 -17.66
SG CSX B 244 -17.06 11.75 -18.16
C CSX B 244 -20.22 11.95 -15.82
O CSX B 244 -21.17 11.23 -16.12
OD CSX B 244 -17.06 11.23 -19.55
N TRP B 245 -20.36 13.11 -15.18
CA TRP B 245 -21.63 13.83 -15.19
C TRP B 245 -21.51 15.00 -16.14
N ASP B 246 -22.37 15.01 -17.15
CA ASP B 246 -22.51 16.13 -18.05
C ASP B 246 -23.93 16.65 -18.02
N HIS B 247 -24.08 17.97 -18.05
CA HIS B 247 -25.41 18.55 -18.11
C HIS B 247 -26.17 18.10 -19.35
N GLY B 248 -27.41 17.66 -19.12
CA GLY B 248 -28.23 17.07 -20.16
C GLY B 248 -28.30 15.58 -19.90
N LYS B 249 -27.15 14.92 -19.88
CA LYS B 249 -27.11 13.45 -19.88
C LYS B 249 -27.05 12.80 -18.51
N GLY B 250 -26.67 13.55 -17.50
CA GLY B 250 -26.41 12.98 -16.20
C GLY B 250 -25.19 12.06 -16.20
N TYR B 251 -25.27 10.98 -15.42
CA TYR B 251 -24.18 10.01 -15.31
C TYR B 251 -24.31 9.04 -16.48
N HIS B 252 -23.57 9.31 -17.55
CA HIS B 252 -23.88 8.72 -18.86
C HIS B 252 -22.78 7.89 -19.48
N ASP B 253 -21.57 7.99 -18.93
CA ASP B 253 -20.41 7.44 -19.61
C ASP B 253 -19.31 7.12 -18.61
N LYS B 254 -18.48 6.15 -18.96
CA LYS B 254 -17.47 5.64 -18.05
C LYS B 254 -16.49 4.69 -18.76
N GLY B 255 -15.22 4.82 -18.41
CA GLY B 255 -14.18 4.03 -19.07
C GLY B 255 -12.81 4.36 -18.57
N THR B 256 -11.87 3.53 -19.00
CA THR B 256 -10.48 3.64 -18.59
C THR B 256 -9.84 4.90 -19.15
N ILE B 257 -8.89 5.43 -18.37
CA ILE B 257 -8.10 6.61 -18.73
C ILE B 257 -6.62 6.22 -18.94
N THR B 258 -5.98 5.68 -17.89
CA THR B 258 -4.52 5.38 -17.96
C THR B 258 -4.14 4.27 -16.96
N PRO B 259 -3.08 3.50 -17.24
CA PRO B 259 -2.63 2.47 -16.29
C PRO B 259 -1.98 3.05 -15.05
N VAL B 260 -2.11 2.35 -13.93
CA VAL B 260 -1.45 2.81 -12.70
C VAL B 260 -0.91 1.60 -12.03
N ILE B 261 -0.06 1.81 -11.03
CA ILE B 261 0.36 0.70 -10.20
C ILE B 261 -0.84 0.19 -9.40
N GLN B 262 -0.73 -1.05 -8.94
CA GLN B 262 -1.66 -1.68 -8.03
C GLN B 262 -1.79 -0.82 -6.78
N GLY B 263 -3.02 -0.43 -6.44
CA GLY B 263 -3.25 0.38 -5.27
C GLY B 263 -2.74 1.83 -5.35
N SER B 264 -2.58 2.39 -6.53
CA SER B 264 -2.24 3.81 -6.63
C SER B 264 -3.34 4.68 -6.04
N GLU B 265 -2.94 5.77 -5.39
CA GLU B 265 -3.87 6.87 -5.07
C GLU B 265 -3.99 7.77 -6.26
N VAL B 266 -4.96 8.68 -6.20
CA VAL B 266 -5.29 9.56 -7.33
C VAL B 266 -5.66 10.96 -6.87
N ALA B 267 -5.22 12.00 -7.60
CA ALA B 267 -5.78 13.36 -7.41
C ALA B 267 -6.15 13.95 -8.70
N ILE B 268 -7.11 14.86 -8.67
CA ILE B 268 -7.61 15.51 -9.87
C ILE B 268 -7.70 17.00 -9.62
N ILE B 269 -7.43 17.79 -10.66
CA ILE B 269 -7.73 19.23 -10.66
C ILE B 269 -8.32 19.59 -12.01
N SER B 270 -9.10 20.68 -12.06
CA SER B 270 -9.57 21.24 -13.32
C SER B 270 -9.59 22.78 -13.32
N TRP B 271 -9.81 23.37 -14.49
CA TRP B 271 -10.08 24.80 -14.62
C TRP B 271 -10.70 25.02 -15.99
N GLY B 272 -11.39 26.15 -16.16
CA GLY B 272 -12.07 26.42 -17.43
C GLY B 272 -13.35 25.62 -17.59
N SER B 273 -13.87 25.57 -18.81
CA SER B 273 -15.19 24.99 -19.06
C SER B 273 -15.44 24.80 -20.55
N PHE B 274 -16.40 23.97 -20.91
CA PHE B 274 -16.69 23.73 -22.33
C PHE B 274 -17.03 25.00 -23.11
N ALA B 275 -17.65 25.97 -22.43
CA ALA B 275 -17.97 27.26 -23.03
C ALA B 275 -16.74 28.08 -23.48
N ASN B 276 -15.62 27.94 -22.79
CA ASN B 276 -14.45 28.80 -23.02
C ASN B 276 -13.22 28.01 -23.44
N ASN B 277 -13.35 27.20 -24.48
CA ASN B 277 -12.22 26.38 -24.96
C ASN B 277 -11.50 25.62 -23.84
N GLY B 278 -12.28 25.18 -22.85
CA GLY B 278 -11.81 24.32 -21.80
C GLY B 278 -12.71 23.11 -21.80
N PRO B 279 -12.73 22.35 -20.70
CA PRO B 279 -11.91 22.54 -19.52
C PRO B 279 -10.51 21.99 -19.76
N ASP B 280 -9.63 22.25 -18.80
CA ASP B 280 -8.37 21.55 -18.62
C ASP B 280 -8.50 20.61 -17.40
N LEU B 281 -8.01 19.38 -17.52
CA LEU B 281 -7.97 18.42 -16.40
C LEU B 281 -6.52 17.98 -16.19
N ARG B 282 -6.13 17.74 -14.94
CA ARG B 282 -4.88 17.05 -14.66
C ARG B 282 -5.12 16.00 -13.57
N LEU B 283 -4.54 14.82 -13.78
CA LEU B 283 -4.61 13.70 -12.84
C LEU B 283 -3.22 13.38 -12.38
N TYR B 284 -3.06 13.17 -11.07
CA TYR B 284 -1.78 12.72 -10.52
C TYR B 284 -1.95 11.34 -9.88
N PHE B 285 -0.92 10.52 -10.01
CA PHE B 285 -1.00 9.08 -9.71
C PHE B 285 0.39 8.45 -9.85
N GLN B 286 0.51 7.20 -9.43
CA GLN B 286 1.75 6.41 -9.62
C GLN B 286 1.49 5.33 -10.65
N ASN B 287 2.28 5.32 -11.71
CA ASN B 287 2.19 4.26 -12.72
C ASN B 287 3.49 3.46 -12.93
N GLY B 288 4.45 3.62 -12.02
CA GLY B 288 5.70 2.87 -12.10
C GLY B 288 6.85 3.59 -12.75
N THR B 289 6.63 4.82 -13.26
CA THR B 289 7.74 5.64 -13.77
C THR B 289 8.76 5.86 -12.66
N TYR B 290 10.03 5.58 -12.95
CA TYR B 290 11.12 5.49 -11.95
C TYR B 290 10.74 4.71 -10.68
N ILE B 291 9.90 3.70 -10.90
CA ILE B 291 9.34 2.87 -9.83
C ILE B 291 8.34 3.63 -8.97
N SER B 292 8.81 4.63 -8.22
CA SER B 292 8.02 5.31 -7.20
C SER B 292 7.61 6.77 -7.51
N ALA B 293 7.88 7.26 -8.72
CA ALA B 293 7.58 8.67 -9.05
C ALA B 293 6.09 8.89 -9.27
N VAL B 294 5.67 10.14 -9.10
CA VAL B 294 4.31 10.56 -9.37
C VAL B 294 4.26 10.99 -10.80
N SER B 295 3.26 10.48 -11.52
CA SER B 295 3.05 10.84 -12.93
C SER B 295 1.80 11.73 -13.11
N GLU B 296 1.69 12.33 -14.29
CA GLU B 296 0.60 13.24 -14.67
C GLU B 296 -0.10 12.79 -15.96
N TRP B 297 -1.42 12.92 -15.98
CA TRP B 297 -2.22 12.78 -17.20
C TRP B 297 -2.93 14.10 -17.47
N VAL B 298 -3.13 14.41 -18.75
CA VAL B 298 -3.63 15.70 -19.20
C VAL B 298 -4.88 15.49 -20.06
N TRP B 299 -5.86 16.36 -19.87
CA TRP B 299 -6.93 16.54 -20.84
C TRP B 299 -7.04 18.01 -21.20
N ASN B 300 -7.10 18.32 -22.48
CA ASN B 300 -7.39 19.69 -22.91
C ASN B 300 -8.00 19.68 -24.28
N ARG B 301 -8.67 20.76 -24.63
CA ARG B 301 -9.46 20.81 -25.85
C ARG B 301 -8.63 20.56 -27.11
N ALA B 302 -7.41 21.06 -27.09
CA ALA B 302 -6.57 21.04 -28.29
C ALA B 302 -6.18 19.64 -28.71
N HIS B 303 -5.67 18.84 -27.76
CA HIS B 303 -5.19 17.49 -28.08
C HIS B 303 -5.86 16.34 -27.33
N GLY B 304 -6.81 16.65 -26.46
CA GLY B 304 -7.55 15.60 -25.76
C GLY B 304 -6.70 14.88 -24.73
N SER B 305 -6.94 13.58 -24.59
CA SER B 305 -6.22 12.74 -23.62
C SER B 305 -4.76 12.52 -24.02
N GLN B 306 -3.83 12.87 -23.14
CA GLN B 306 -2.40 12.60 -23.32
C GLN B 306 -1.68 12.46 -21.97
N LEU B 307 -0.64 11.63 -21.91
CA LEU B 307 0.20 11.60 -20.72
C LEU B 307 0.96 12.92 -20.58
N GLY B 308 1.20 13.37 -19.36
CA GLY B 308 1.83 14.66 -19.12
C GLY B 308 3.20 14.44 -18.57
N ARG B 309 3.61 15.30 -17.63
CA ARG B 309 4.89 15.12 -16.96
C ARG B 309 5.08 13.67 -16.51
N SER B 310 6.11 13.05 -17.03
CA SER B 310 6.42 11.64 -16.75
C SER B 310 6.69 11.38 -15.27
N ALA B 311 7.47 12.25 -14.66
CA ALA B 311 7.88 12.07 -13.26
C ALA B 311 8.01 13.42 -12.62
N LEU B 312 7.14 13.69 -11.65
CA LEU B 312 7.14 14.99 -10.98
C LEU B 312 8.40 15.14 -10.15
N PRO B 313 8.87 16.39 -9.89
CA PRO B 313 9.86 16.64 -8.85
C PRO B 313 9.40 15.98 -7.54
N PRO B 314 10.32 15.38 -6.77
CA PRO B 314 11.77 15.36 -6.88
C PRO B 314 12.42 14.33 -7.84
N ALA B 315 11.65 13.67 -8.70
CA ALA B 315 12.17 12.58 -9.53
C ALA B 315 13.30 13.03 -10.45
C1 NAG C . 4.62 -26.56 21.33
C2 NAG C . 3.23 -27.00 21.78
C3 NAG C . 2.36 -25.75 21.98
C4 NAG C . 3.08 -24.82 22.95
C5 NAG C . 4.56 -24.58 22.56
C6 NAG C . 5.38 -23.77 23.55
C7 NAG C . 2.39 -29.17 21.00
C8 NAG C . 1.68 -29.90 19.91
N2 NAG C . 2.57 -27.86 20.82
O1 NAG C . 5.44 -27.66 21.00
O3 NAG C . 1.03 -26.08 22.35
O4 NAG C . 2.43 -23.61 22.81
O5 NAG C . 5.21 -25.83 22.38
O6 NAG C . 6.69 -23.56 23.05
O7 NAG C . 2.77 -29.79 22.00
C1 GAL C . 2.35 -22.95 24.09
C2 GAL C . 2.10 -21.48 23.80
C3 GAL C . 1.95 -20.76 25.13
C4 GAL C . 0.91 -21.46 25.98
C5 GAL C . 1.30 -22.91 26.18
C6 GAL C . 0.28 -23.63 27.05
O2 GAL C . 3.17 -20.95 23.01
O3 GAL C . 1.55 -19.42 24.89
O4 GAL C . -0.37 -21.43 25.36
O5 GAL C . 1.34 -23.51 24.90
O6 GAL C . 0.74 -24.93 27.30
C1 FUC C . 2.82 -20.76 21.60
C2 FUC C . 2.72 -19.25 21.36
C3 FUC C . 4.08 -18.58 21.29
C4 FUC C . 5.02 -19.31 20.34
C5 FUC C . 5.02 -20.80 20.69
C6 FUC C . 5.95 -21.58 19.78
O2 FUC C . 1.95 -18.62 22.37
O3 FUC C . 3.84 -17.24 20.91
O4 FUC C . 4.65 -19.12 18.99
O5 FUC C . 3.70 -21.35 20.67
C1 NAG D . 19.07 -20.19 23.39
C2 NAG D . 19.67 -19.65 24.70
C3 NAG D . 20.01 -18.18 24.47
C4 NAG D . 20.87 -18.00 23.22
C5 NAG D . 20.45 -18.89 22.05
C6 NAG D . 21.57 -18.98 21.04
C7 NAG D . 19.01 -20.09 27.04
C8 NAG D . 17.87 -20.29 28.00
N2 NAG D . 18.69 -19.86 25.76
O1 NAG D . 18.58 -21.50 23.59
O3 NAG D . 20.58 -17.60 25.64
O4 NAG D . 20.64 -16.71 22.69
O5 NAG D . 20.08 -20.19 22.41
O6 NAG D . 21.00 -18.59 19.82
O7 NAG D . 20.16 -20.10 27.46
C1 GAL D . 21.79 -15.86 22.64
C2 GAL D . 21.33 -14.55 22.00
C3 GAL D . 22.33 -13.42 22.16
C4 GAL D . 22.91 -13.38 23.57
C5 GAL D . 23.41 -14.77 23.94
C6 GAL D . 24.08 -14.79 25.33
O2 GAL D . 21.14 -14.73 20.62
O3 GAL D . 21.71 -12.20 21.80
O4 GAL D . 21.91 -13.02 24.47
O5 GAL D . 22.32 -15.67 23.94
O6 GAL D . 25.24 -15.60 25.27
C1 FUC D . 19.76 -14.75 20.20
C2 FUC D . 19.41 -13.44 19.49
C3 FUC D . 20.34 -13.27 18.28
C4 FUC D . 20.14 -14.48 17.37
C5 FUC D . 20.33 -15.79 18.15
C6 FUC D . 20.11 -17.01 17.26
O2 FUC D . 19.54 -12.34 20.36
O3 FUC D . 20.12 -12.07 17.60
O4 FUC D . 18.85 -14.44 16.82
O5 FUC D . 19.51 -15.84 19.30
C1 NDG E . 33.57 -18.99 3.13
C2 NDG E . 32.07 -18.84 2.87
C3 NDG E . 31.31 -18.72 4.19
C4 NDG E . 31.69 -19.81 5.20
C5 NDG E . 33.23 -19.81 5.30
C6 NDG E . 33.85 -20.82 6.25
C7 NDG E . 31.62 -17.77 0.70
C8 NDG E . 31.32 -16.49 -0.03
O5 NDG E . 33.78 -20.06 4.03
O3 NDG E . 29.94 -18.80 3.88
O4 NDG E . 31.09 -19.45 6.44
O6 NDG E . 34.11 -20.18 7.48
O7 NDG E . 31.71 -18.81 0.04
N2 NDG E . 31.78 -17.69 2.03
O1 NDG E . 34.07 -17.81 3.71
C1 GAL E . 30.60 -20.58 7.22
C2 GAL E . 30.44 -20.05 8.65
C3 GAL E . 29.83 -21.06 9.62
C4 GAL E . 28.59 -21.68 9.00
C5 GAL E . 28.89 -22.17 7.59
C6 GAL E . 27.67 -22.76 6.92
O2 GAL E . 31.73 -19.68 9.10
O3 GAL E . 29.44 -20.43 10.83
O4 GAL E . 27.55 -20.71 9.10
O5 GAL E . 29.39 -21.14 6.75
O6 GAL E . 28.07 -23.03 5.60
C1 FUC E . 31.67 -18.38 9.75
C2 FUC E . 32.87 -18.21 10.69
C3 FUC E . 34.18 -18.02 9.94
C4 FUC E . 34.06 -16.98 8.83
C5 FUC E . 32.77 -17.13 8.01
C6 FUC E . 32.59 -15.91 7.10
O2 FUC E . 33.03 -19.33 11.54
O3 FUC E . 35.13 -17.58 10.89
O4 FUC E . 34.11 -15.70 9.42
O5 FUC E . 31.63 -17.31 8.82
C1 FUC E . 29.06 -17.97 4.66
C2 FUC E . 28.69 -16.68 3.91
C3 FUC E . 27.92 -16.95 2.63
C4 FUC E . 26.75 -17.87 2.97
C5 FUC E . 27.27 -19.12 3.69
C6 FUC E . 26.16 -20.11 3.94
O2 FUC E . 29.83 -15.93 3.58
O3 FUC E . 27.49 -15.74 2.04
O4 FUC E . 25.82 -17.20 3.78
O5 FUC E . 27.90 -18.74 4.91
C1 NDG F . -3.00 -32.91 6.24
C2 NDG F . -4.36 -33.61 6.19
C3 NDG F . -5.46 -32.56 5.99
C4 NDG F . -5.37 -31.73 7.27
C5 NDG F . -3.97 -31.15 7.40
C6 NDG F . -3.77 -30.45 8.71
C7 NDG F . -4.29 -35.84 5.25
C8 NDG F . -4.30 -36.65 4.00
O5 NDG F . -2.96 -32.17 7.42
O3 NDG F . -6.75 -33.11 5.89
O4 NDG F . -6.28 -30.69 7.11
O6 NDG F . -3.58 -31.52 9.59
O7 NDG F . -4.20 -36.40 6.33
N2 NDG F . -4.36 -34.52 5.08
O1 NDG F . -2.85 -32.02 5.14
C1 GAL F . -7.18 -30.61 8.19
C2 GAL F . -7.70 -29.20 8.14
C3 GAL F . -8.83 -29.02 9.13
C4 GAL F . -9.90 -30.10 8.95
C5 GAL F . -9.22 -31.45 9.05
C6 GAL F . -10.20 -32.63 9.00
O2 GAL F . -6.66 -28.31 8.51
O3 GAL F . -9.35 -27.74 8.88
O4 GAL F . -10.52 -29.98 7.70
O5 GAL F . -8.22 -31.57 8.04
O6 GAL F . -9.44 -33.81 9.19
C1 FUC F . -5.99 -27.67 7.38
C2 FUC F . -6.46 -26.23 7.17
C3 FUC F . -6.08 -25.35 8.36
C4 FUC F . -4.58 -25.44 8.59
C5 FUC F . -4.25 -26.92 8.79
C6 FUC F . -2.79 -27.14 9.14
O2 FUC F . -7.85 -26.22 6.96
O3 FUC F . -6.49 -24.02 8.16
O4 FUC F . -3.84 -24.93 7.50
O5 FUC F . -4.61 -27.62 7.60
C1 FUC F . -7.22 -33.36 4.55
C2 FUC F . -8.33 -34.38 4.67
C3 FUC F . -9.50 -33.79 5.45
C4 FUC F . -9.96 -32.48 4.82
C5 FUC F . -8.76 -31.56 4.61
C6 FUC F . -9.16 -30.31 3.85
O2 FUC F . -7.84 -35.48 5.41
O3 FUC F . -10.57 -34.71 5.54
O4 FUC F . -10.60 -32.77 3.59
O5 FUC F . -7.73 -32.21 3.89
C1 NAG G . 3.26 33.07 -8.97
C2 NAG G . 4.79 33.12 -8.77
C3 NAG G . 5.14 32.40 -7.47
C4 NAG G . 4.33 32.93 -6.30
C5 NAG G . 2.84 32.87 -6.65
C6 NAG G . 1.89 33.39 -5.57
C7 NAG G . 6.85 32.57 -9.99
C8 NAG G . 7.52 31.87 -11.15
N2 NAG G . 5.52 32.49 -9.86
O1 NAG G . 2.84 33.81 -10.09
O3 NAG G . 6.53 32.52 -7.22
O4 NAG G . 4.61 32.15 -5.15
O5 NAG G . 2.60 33.60 -7.84
O6 NAG G . 2.61 33.87 -4.47
O7 NAG G . 7.57 33.20 -9.20
C1 GAL G . 5.67 32.60 -4.27
C2 GAL G . 6.27 31.36 -3.57
C3 GAL G . 7.38 31.79 -2.60
C4 GAL G . 8.41 32.60 -3.39
C5 GAL G . 7.72 33.80 -4.02
C6 GAL G . 8.75 34.74 -4.69
O2 GAL G . 5.31 30.55 -2.88
O3 GAL G . 8.01 30.67 -2.04
O4 GAL G . 8.98 31.80 -4.40
O5 GAL G . 6.71 33.34 -4.91
O6 GAL G . 8.91 35.92 -3.92
C1 FUC G . 4.84 29.41 -3.67
C2 FUC G . 5.14 28.12 -2.92
C3 FUC G . 4.30 28.00 -1.66
C4 FUC G . 2.83 28.04 -2.03
C5 FUC G . 2.63 29.36 -2.80
C6 FUC G . 1.17 29.54 -3.18
O2 FUC G . 6.49 28.11 -2.57
O3 FUC G . 4.58 26.82 -0.96
O4 FUC G . 2.46 26.91 -2.81
O5 FUC G . 3.45 29.46 -3.96
C1 NAG H . -7.09 34.92 6.76
C2 NAG H . -6.62 35.63 8.04
C3 NAG H . -6.22 34.55 9.05
C4 NAG H . -7.36 33.57 9.25
C5 NAG H . -7.87 33.02 7.92
C6 NAG H . -9.12 32.18 8.11
C7 NAG H . -4.91 37.36 8.53
C8 NAG H . -3.79 38.21 7.97
N2 NAG H . -5.51 36.52 7.69
O1 NAG H . -7.49 35.85 5.78
O3 NAG H . -5.85 35.07 10.31
O4 NAG H . -6.82 32.49 9.96
O5 NAG H . -8.18 34.09 7.05
O6 NAG H . -10.25 32.93 8.48
O7 NAG H . -5.22 37.48 9.72
C1 GAL H . -7.54 32.28 11.18
C2 GAL H . -7.19 30.87 11.63
C3 GAL H . -7.59 30.60 13.10
C4 GAL H . -7.29 31.78 14.00
C5 GAL H . -7.87 33.04 13.37
C6 GAL H . -7.75 34.28 14.27
O2 GAL H . -7.94 30.01 10.81
O3 GAL H . -6.90 29.46 13.60
O4 GAL H . -5.89 31.88 14.11
O5 GAL H . -7.20 33.27 12.15
O6 GAL H . -6.41 34.47 14.61
C1 FUC H . -7.18 29.37 9.78
C2 FUC H . -6.97 27.91 10.15
C3 FUC H . -8.34 27.23 10.28
C4 FUC H . -9.04 27.31 8.94
C5 FUC H . -9.13 28.79 8.56
C6 FUC H . -9.81 29.01 7.21
O2 FUC H . -6.28 27.90 11.38
O3 FUC H . -8.27 25.88 10.70
O4 FUC H . -8.27 26.60 8.01
O5 FUC H . -7.85 29.41 8.55
C1 NDG I . -28.83 24.33 8.36
C2 NDG I . -27.94 23.66 7.34
C3 NDG I . -26.50 24.19 7.44
C4 NDG I . -26.46 25.73 7.37
C5 NDG I . -27.59 26.35 8.23
C6 NDG I . -27.82 27.85 8.01
C7 NDG I . -28.61 21.40 6.63
C8 NDG I . -28.53 19.94 6.94
O5 NDG I . -28.85 25.72 8.04
O3 NDG I . -25.74 23.55 6.43
O4 NDG I . -25.19 26.19 7.80
O6 NDG I . -27.05 28.59 8.95
O7 NDG I . -29.25 21.76 5.64
N2 NDG I . -27.97 22.22 7.48
O1 NDG I . -28.32 24.14 9.68
C1 GAL I . -24.70 27.34 7.05
C2 GAL I . -23.57 27.99 7.86
C3 GAL I . -22.90 29.14 7.10
C4 GAL I . -22.57 28.75 5.67
C5 GAL I . -23.81 28.13 5.03
C6 GAL I . -23.50 27.73 3.58
O2 GAL I . -24.10 28.51 9.06
O3 GAL I . -21.70 29.49 7.75
O4 GAL I . -21.47 27.87 5.67
O5 GAL I . -24.24 27.00 5.77
O6 GAL I . -24.72 27.30 2.97
C1 FUC I . -23.30 28.09 10.19
C2 FUC I . -23.60 28.97 11.38
C3 FUC I . -25.08 28.81 11.72
C4 FUC I . -25.39 27.34 12.03
C5 FUC I . -24.81 26.36 11.00
C6 FUC I . -24.72 24.93 11.55
O2 FUC I . -23.26 30.31 11.11
O3 FUC I . -25.40 29.61 12.84
O4 FUC I . -24.90 27.04 13.32
O5 FUC I . -23.51 26.73 10.54
C1 FUC I . -24.35 23.30 6.76
C2 FUC I . -24.11 21.83 7.15
C3 FUC I . -24.32 20.87 5.96
C4 FUC I . -23.58 21.36 4.74
C5 FUC I . -23.92 22.82 4.50
C6 FUC I . -23.31 23.37 3.22
O2 FUC I . -24.90 21.47 8.26
O3 FUC I . -23.94 19.53 6.28
O4 FUC I . -22.20 21.26 4.95
O5 FUC I . -23.55 23.59 5.63
C1 GAL J . 1.39 23.54 -21.96
C2 GAL J . 2.10 22.27 -21.49
C3 GAL J . 3.61 22.40 -21.80
C4 GAL J . 3.88 22.89 -23.21
C5 GAL J . 2.98 24.05 -23.59
C6 GAL J . 3.11 24.40 -25.08
O1 GAL J . -0.01 23.54 -21.80
O2 GAL J . 2.03 22.09 -20.09
O3 GAL J . 4.26 21.16 -21.60
O4 GAL J . 3.63 21.83 -24.09
O5 GAL J . 1.65 23.68 -23.33
O6 GAL J . 3.30 25.78 -25.23
C1 FUC J . 1.00 21.18 -19.61
C2 FUC J . 1.66 19.99 -18.93
C3 FUC J . 2.38 20.39 -17.64
C4 FUC J . 1.47 21.21 -16.73
C5 FUC J . 0.82 22.34 -17.55
C6 FUC J . -0.16 23.13 -16.70
O2 FUC J . 2.58 19.38 -19.82
O3 FUC J . 2.88 19.25 -16.98
O4 FUC J . 0.46 20.39 -16.21
O5 FUC J . 0.14 21.82 -18.68
C1 GOL K . -27.47 14.59 -9.14
C1 GOL K . -27.68 14.66 -9.16
O1 GOL K . -27.12 13.25 -8.76
O1 GOL K . -27.72 13.35 -9.76
C2 GOL K . -26.19 15.30 -9.54
C2 GOL K . -26.34 15.32 -9.45
O2 GOL K . -25.22 15.14 -8.50
O2 GOL K . -25.58 15.41 -8.24
C3 GOL K . -26.48 16.79 -9.78
C3 GOL K . -26.57 16.70 -10.04
O3 GOL K . -27.26 17.28 -8.68
O3 GOL K . -25.44 17.12 -10.81
C1 GOL L . 19.03 -25.80 -8.41
O1 GOL L . 20.24 -25.74 -7.64
C2 GOL L . 18.62 -24.43 -8.96
O2 GOL L . 18.50 -23.48 -7.90
C3 GOL L . 19.68 -23.94 -9.96
O3 GOL L . 19.09 -22.94 -10.82
C1 FUC M . 2.90 -29.41 -8.25
C2 FUC M . 2.02 -28.17 -8.52
C3 FUC M . 1.12 -27.73 -7.36
C4 FUC M . 1.83 -27.88 -6.02
C5 FUC M . 2.46 -29.26 -5.92
C6 FUC M . 3.11 -29.47 -4.56
O1 FUC M . 2.16 -30.60 -8.52
O2 FUC M . 1.22 -28.47 -9.65
O3 FUC M . 0.71 -26.39 -7.50
O4 FUC M . 2.81 -26.88 -5.91
O5 FUC M . 3.42 -29.45 -6.93
C1 FUC N . -15.19 14.50 -22.26
C2 FUC N . -14.51 13.20 -21.85
C3 FUC N . -13.04 13.39 -21.43
C4 FUC N . -12.89 14.56 -20.47
C5 FUC N . -13.59 15.79 -21.02
C6 FUC N . -13.53 16.98 -20.08
O1 FUC N . -14.72 14.91 -23.54
O2 FUC N . -14.66 12.30 -22.94
O3 FUC N . -12.51 12.23 -20.83
O4 FUC N . -13.48 14.21 -19.22
O5 FUC N . -14.94 15.51 -21.28
#